data_6WWZ
#
_entry.id   6WWZ
#
_cell.length_a   1.00
_cell.length_b   1.00
_cell.length_c   1.00
_cell.angle_alpha   90.00
_cell.angle_beta   90.00
_cell.angle_gamma   90.00
#
_symmetry.space_group_name_H-M   'P 1'
#
loop_
_entity.id
_entity.type
_entity.pdbx_description
1 polymer 'Guanine nucleotide-binding protein G(I)/G(S)/G(T) subunit beta-1'
2 polymer 'C-C motif chemokine 20'
3 polymer 'Guanine nucleotide-binding protein G(I)/G(S)/G(O) subunit gamma-2'
4 polymer 'Guanine nucleotide-binding protein G(o) subunit alpha,Guanine nucleotide-binding protein G(o) subunit alpha'
5 polymer scFv16
6 polymer 'C-C chemokine receptor type 6,C-C chemokine receptor type 6'
#
loop_
_entity_poly.entity_id
_entity_poly.type
_entity_poly.pdbx_seq_one_letter_code
_entity_poly.pdbx_strand_id
1 'polypeptide(L)'
;MHHHHHHGSLLQSELDQLRQEAEQLKNQIRDARKACADATLSQITNNIDPVGRIQMRTRRTLRGHLAKIYAMHWGTDSRL
LVSASQDGKLIIWDSYTTNKVHAIPLRSSWVMTCAYAPSGNYVACGGLDNICSIYNLKTREGNVRVSRELAGHTGYLSCC
RFLDDNQIVTSSGDTTCALWDIETGQQTTTFTGHTGDVMSLSLAPDTRLFVSGACDASAKLWDVREGMCRQTFTGHESDI
NAICFFPNGNAFATGSDDATCRLFDLRADQELMTYSHDNIICGITSVSFSKSGRLLLAGYDDFNCNVWDALKADRAGVLA
GHDNRVSCLGVTDDGMAVATGSWDSFLKIWN
;
B
2 'polypeptide(L)' ASNFDCCLGYTDRILHPKFIVGFTRQLANEGCDINAIIFHTKKKLSVCANPKQTWVKYIVRLLSKKVKNM C
3 'polypeptide(L)' MASNNTASIAQARKLVEQLKMEANIDRIKVSKAAADLMAYCEAHAKEDPLLTPVPASENPFREKKFFC Y
4 'polypeptide(L)'
;MGHHHHHHENLYFQGTLSAEERAALERSKAIEKNLKEDGISAAKDVKLLLLGADNSGKSTIVKQMKIIHGGSGGSGGTTG
IVETHFTFKNLHFRLFDVGGQRSERKKWIHCFEDVTAIIFCVDLSDYDQVLHEDETTNRMHESLMDFDSICNNKFFIDTS
IILFLNKKDLFGEKIKKSPLTICFPEYTGPNTYEDAAAYIQAQFESKNRSPNKEIYCHMTCATDTNNAQVIFDAVTDIII
ANNLRGCGLY
;
A
5 'polypeptide(L)'
;METDTLLLWVLLLWVPGSTGDVQLVESGGGLVQPGGSRKLSCSASGFAFSSFGMHWVRQAPEKGLEWVAYISSGSGTIYY
ADTVKGRFTISRDDPKNTLFLQMTSLRSEDTAMYYCVRSIYYYGSSPFDFWGQGTTLTVSSGGGGSGGGGSGGGGSDIVM
TQATSSVPVTPGESVSISCRSSKSLLHSNGNTYLYWFLQRPGQSPQLLIYRMSNLASGVPDRFSGSGSGTAFTLTISRLE
AEDVGVYYCMQHLEYPLTFGAGTKLELKAAALEVLFQGPHHHHHHHH
;
S
6 'polypeptide(L)'
;MKTIIALSYIFCLVFADYKDDDDAKLQTMGTADLEDNWETLNDNLKVIEKADNAAQVKDALTKMRAAALDAQKATPPKLE
DKSPDSPEMKDFRHGFDILVGQIDDALKLANEGKVKEAQAAAEQLKTTRNAYIQKYLGSENLYFQGSGESMNFSDVFDSS
EDYFVSVNTSYYSVDSEMLLCSLQEVRQFSRLFVPIAYSLICVFGLLGNILVVITFAFYKKARSMTDVYLLNMAIADILF
VLTLPFWAVSHATGAWVFSNATCKLLKGIYAINFNCGMLLLTCISMDRYIAIVQATKSFRLRSRTLPRSKIICLVVWGLS
VIISSSTFVFNQKYNTQGSDVCEPKYQTVSEPIRWKLLMLGLELLFGFFIPLMFMIFCYTFIVKTLVQAQNSKRHKAIRV
IIAVVLVFLACQIPHNMVLLVTAANLGKMNRSCQSEKLIGYTKTVTEVLAFLHCCLNPVLYAFIGQKFRNYFLKILKDLW
CVRRKYKSSGFSCAGRYSENISRQTSETADNDNASSFTMHHHHHHHHHH
;
R
#
# COMPACT_ATOMS: atom_id res chain seq x y z
N GLU A 14 26.10 -32.75 48.30
CA GLU A 14 24.99 -32.16 49.14
C GLU A 14 23.80 -31.74 48.26
N LEU A 15 23.61 -32.35 47.09
CA LEU A 15 22.60 -31.93 46.08
C LEU A 15 21.20 -32.28 46.58
N ASP A 16 21.04 -33.50 47.14
CA ASP A 16 19.78 -33.99 47.76
C ASP A 16 19.39 -33.09 48.95
N GLN A 17 20.37 -32.61 49.73
CA GLN A 17 20.15 -31.70 50.89
C GLN A 17 19.64 -30.34 50.39
N LEU A 18 20.27 -29.79 49.35
CA LEU A 18 19.93 -28.48 48.75
C LEU A 18 18.59 -28.57 47.99
N ARG A 19 18.27 -29.74 47.41
CA ARG A 19 17.01 -29.96 46.64
C ARG A 19 15.78 -29.90 47.56
N GLN A 20 15.87 -30.46 48.78
CA GLN A 20 14.77 -30.45 49.78
C GLN A 20 14.64 -29.06 50.40
N GLU A 21 15.76 -28.41 50.76
CA GLU A 21 15.82 -27.03 51.29
C GLU A 21 15.09 -26.05 50.35
N ALA A 22 15.14 -26.31 49.03
CA ALA A 22 14.39 -25.56 47.99
C ALA A 22 12.90 -25.92 48.03
N GLU A 23 12.57 -27.19 48.27
CA GLU A 23 11.17 -27.73 48.29
C GLU A 23 10.42 -27.19 49.50
N GLN A 24 10.96 -27.40 50.71
CA GLN A 24 10.34 -27.04 52.03
C GLN A 24 9.93 -25.55 52.03
N LEU A 25 10.73 -24.69 51.40
CA LEU A 25 10.47 -23.23 51.28
C LEU A 25 9.35 -22.97 50.25
N LYS A 26 9.25 -23.78 49.18
CA LYS A 26 8.15 -23.69 48.18
C LYS A 26 6.82 -24.12 48.83
N ASN A 27 6.85 -25.09 49.75
CA ASN A 27 5.67 -25.56 50.53
C ASN A 27 5.21 -24.48 51.51
N GLN A 28 6.14 -23.71 52.10
CA GLN A 28 5.86 -22.62 53.07
C GLN A 28 5.15 -21.45 52.35
N ILE A 29 5.70 -21.00 51.23
CA ILE A 29 5.18 -19.85 50.41
C ILE A 29 3.78 -20.19 49.87
N ARG A 30 3.52 -21.47 49.57
CA ARG A 30 2.19 -21.96 49.08
C ARG A 30 1.13 -21.85 50.19
N ASP A 31 1.54 -21.92 51.47
CA ASP A 31 0.64 -21.85 52.66
C ASP A 31 0.54 -20.42 53.19
N ALA A 32 1.50 -19.55 52.88
CA ALA A 32 1.49 -18.10 53.24
C ALA A 32 0.38 -17.40 52.44
N ARG A 33 0.35 -17.59 51.11
CA ARG A 33 -0.59 -16.93 50.16
C ARG A 33 -2.02 -17.43 50.37
N LYS A 34 -2.21 -18.66 50.86
CA LYS A 34 -3.54 -19.28 51.07
C LYS A 34 -4.21 -18.72 52.34
N ALA A 35 -3.42 -18.43 53.38
CA ALA A 35 -3.91 -18.01 54.71
C ALA A 35 -4.20 -16.50 54.76
N CYS A 36 -3.90 -15.74 53.69
CA CYS A 36 -4.14 -14.28 53.58
C CYS A 36 -5.55 -14.00 53.02
N ALA A 37 -5.97 -14.75 52.00
CA ALA A 37 -7.24 -14.57 51.25
C ALA A 37 -8.44 -14.77 52.19
N ASP A 38 -9.08 -13.66 52.59
CA ASP A 38 -10.35 -13.64 53.39
C ASP A 38 -11.51 -13.97 52.45
N ALA A 39 -11.65 -13.21 51.36
CA ALA A 39 -12.64 -13.40 50.27
C ALA A 39 -11.99 -13.08 48.92
N THR A 40 -12.70 -13.33 47.83
CA THR A 40 -12.32 -12.95 46.43
C THR A 40 -12.83 -11.53 46.15
N LEU A 41 -12.36 -10.90 45.07
CA LEU A 41 -12.78 -9.54 44.64
C LEU A 41 -14.21 -9.59 44.08
N SER A 42 -14.53 -10.66 43.34
CA SER A 42 -15.83 -10.91 42.66
C SER A 42 -17.01 -10.83 43.65
N GLN A 43 -16.77 -11.06 44.95
CA GLN A 43 -17.78 -10.88 46.04
C GLN A 43 -17.91 -9.39 46.38
N ILE A 44 -16.79 -8.68 46.55
CA ILE A 44 -16.76 -7.26 47.02
C ILE A 44 -17.20 -6.32 45.89
N THR A 45 -16.98 -6.70 44.62
CA THR A 45 -17.28 -5.86 43.42
C THR A 45 -18.78 -5.91 43.06
N ASN A 46 -19.64 -6.55 43.87
CA ASN A 46 -21.11 -6.48 43.72
C ASN A 46 -21.63 -5.20 44.38
N ASN A 47 -22.83 -4.76 43.99
CA ASN A 47 -23.49 -3.49 44.44
C ASN A 47 -22.67 -2.29 43.95
N ILE A 48 -22.46 -2.21 42.63
CA ILE A 48 -21.90 -1.04 41.89
C ILE A 48 -22.62 -0.95 40.54
N ASP A 49 -22.66 0.25 39.95
CA ASP A 49 -23.34 0.51 38.65
C ASP A 49 -22.45 0.04 37.50
N PRO A 50 -22.99 -0.66 36.47
CA PRO A 50 -22.18 -1.10 35.34
C PRO A 50 -21.77 0.06 34.40
N VAL A 51 -20.70 -0.15 33.62
CA VAL A 51 -20.12 0.86 32.69
C VAL A 51 -21.13 1.18 31.57
N GLY A 52 -21.84 0.17 31.04
CA GLY A 52 -22.79 0.32 29.93
C GLY A 52 -22.09 0.38 28.58
N ARG A 53 -22.74 -0.13 27.53
CA ARG A 53 -22.16 -0.34 26.17
C ARG A 53 -21.35 0.88 25.73
N ILE A 54 -20.08 0.66 25.36
CA ILE A 54 -19.14 1.69 24.84
C ILE A 54 -19.08 1.58 23.31
N GLN A 55 -18.89 2.70 22.61
CA GLN A 55 -18.80 2.77 21.12
C GLN A 55 -17.84 3.90 20.71
N MET A 56 -16.96 3.62 19.74
CA MET A 56 -15.95 4.57 19.20
C MET A 56 -15.85 4.39 17.68
N ARG A 57 -15.77 5.50 16.93
CA ARG A 57 -15.56 5.51 15.45
C ARG A 57 -14.11 5.90 15.14
N THR A 58 -13.60 5.44 14.00
CA THR A 58 -12.22 5.76 13.50
C THR A 58 -12.17 7.24 13.11
N ARG A 59 -11.41 8.05 13.85
CA ARG A 59 -11.33 9.52 13.65
C ARG A 59 -10.37 9.84 12.49
N ARG A 60 -9.20 9.19 12.45
CA ARG A 60 -8.11 9.51 11.48
C ARG A 60 -7.39 8.22 11.04
N THR A 61 -6.78 8.26 9.85
CA THR A 61 -6.04 7.13 9.22
C THR A 61 -4.71 7.66 8.65
N LEU A 62 -3.59 7.03 9.02
CA LEU A 62 -2.20 7.41 8.60
C LEU A 62 -1.70 6.38 7.57
N ARG A 63 -1.20 6.85 6.43
CA ARG A 63 -0.72 6.01 5.28
C ARG A 63 0.66 6.49 4.82
N GLY A 64 1.51 5.56 4.37
CA GLY A 64 2.89 5.84 3.93
C GLY A 64 3.78 4.60 3.99
N HIS A 65 3.62 3.75 5.01
CA HIS A 65 4.38 2.49 5.20
C HIS A 65 4.00 1.49 4.10
N LEU A 66 4.98 0.66 3.67
CA LEU A 66 4.85 -0.33 2.57
C LEU A 66 5.23 -1.73 3.09
N ALA A 67 5.00 -2.02 4.37
CA ALA A 67 5.33 -3.29 5.05
C ALA A 67 4.64 -3.34 6.42
N LYS A 68 4.77 -4.47 7.13
CA LYS A 68 4.14 -4.70 8.47
C LYS A 68 4.64 -3.67 9.48
N ILE A 69 3.72 -3.07 10.25
CA ILE A 69 4.04 -2.20 11.43
C ILE A 69 4.30 -3.12 12.62
N TYR A 70 5.39 -2.88 13.36
CA TYR A 70 5.85 -3.76 14.48
C TYR A 70 5.70 -3.04 15.83
N ALA A 71 6.09 -1.76 15.92
CA ALA A 71 6.05 -0.96 17.18
C ALA A 71 5.57 0.47 16.90
N MET A 72 5.33 1.22 17.98
CA MET A 72 4.98 2.68 17.99
C MET A 72 4.98 3.20 19.43
N HIS A 73 4.94 4.53 19.61
CA HIS A 73 5.01 5.19 20.93
C HIS A 73 4.52 6.65 20.82
N TRP A 74 3.74 7.12 21.80
CA TRP A 74 3.31 8.54 21.94
C TRP A 74 4.44 9.36 22.58
N GLY A 75 4.30 10.69 22.59
CA GLY A 75 5.15 11.64 23.35
C GLY A 75 4.38 12.30 24.48
N THR A 76 5.10 12.84 25.48
CA THR A 76 4.52 13.54 26.67
C THR A 76 3.63 14.72 26.22
N ASP A 77 4.00 15.40 25.14
CA ASP A 77 3.21 16.45 24.45
C ASP A 77 1.83 15.89 24.06
N SER A 78 1.79 14.63 23.62
CA SER A 78 0.56 13.86 23.25
C SER A 78 -0.07 14.44 21.97
N ARG A 79 0.76 14.96 21.06
CA ARG A 79 0.37 15.40 19.69
C ARG A 79 1.20 14.65 18.64
N LEU A 80 2.50 14.44 18.89
CA LEU A 80 3.45 13.74 17.98
C LEU A 80 3.65 12.28 18.42
N LEU A 81 3.75 11.35 17.46
CA LEU A 81 4.02 9.91 17.72
C LEU A 81 5.02 9.34 16.70
N VAL A 82 5.64 8.21 17.04
CA VAL A 82 6.66 7.47 16.24
C VAL A 82 6.06 6.13 15.80
N SER A 83 6.58 5.55 14.72
CA SER A 83 6.28 4.15 14.27
C SER A 83 7.44 3.60 13.44
N ALA A 84 7.59 2.27 13.42
CA ALA A 84 8.64 1.52 12.68
C ALA A 84 8.04 0.33 11.93
N SER A 85 8.59 0.01 10.76
CA SER A 85 8.16 -1.10 9.87
C SER A 85 9.38 -1.85 9.30
N GLN A 86 9.15 -2.88 8.49
CA GLN A 86 10.19 -3.80 7.96
C GLN A 86 10.88 -3.20 6.71
N ASP A 87 10.33 -2.15 6.10
CA ASP A 87 10.87 -1.52 4.86
C ASP A 87 12.18 -0.79 5.15
N GLY A 88 12.48 -0.48 6.42
CA GLY A 88 13.74 0.16 6.87
C GLY A 88 13.60 1.67 7.03
N LYS A 89 12.42 2.13 7.44
CA LYS A 89 12.08 3.56 7.66
C LYS A 89 11.51 3.74 9.08
N LEU A 90 11.67 4.94 9.63
CA LEU A 90 11.15 5.34 10.98
C LEU A 90 10.53 6.74 10.86
N ILE A 91 9.20 6.82 10.82
CA ILE A 91 8.43 8.06 10.49
C ILE A 91 7.90 8.68 11.79
N ILE A 92 7.96 10.01 11.89
CA ILE A 92 7.38 10.81 13.01
C ILE A 92 6.18 11.60 12.46
N TRP A 93 4.97 11.31 12.94
CA TRP A 93 3.69 11.89 12.46
C TRP A 93 3.23 13.03 13.39
N ASP A 94 2.49 14.00 12.84
CA ASP A 94 1.67 14.99 13.59
C ASP A 94 0.19 14.58 13.47
N SER A 95 -0.37 14.04 14.55
CA SER A 95 -1.70 13.37 14.60
C SER A 95 -2.83 14.35 14.30
N TYR A 96 -2.64 15.64 14.58
CA TYR A 96 -3.72 16.64 14.36
C TYR A 96 -3.90 16.94 12.87
N THR A 97 -2.87 17.47 12.21
CA THR A 97 -2.95 17.83 10.77
C THR A 97 -2.64 16.60 9.90
N THR A 98 -2.18 15.51 10.51
CA THR A 98 -1.87 14.24 9.81
C THR A 98 -0.82 14.45 8.71
N ASN A 99 0.32 15.07 9.04
CA ASN A 99 1.41 15.29 8.04
C ASN A 99 2.74 14.83 8.66
N LYS A 100 3.69 14.41 7.82
CA LYS A 100 5.00 13.88 8.28
C LYS A 100 5.94 15.03 8.66
N VAL A 101 6.67 14.85 9.76
CA VAL A 101 7.66 15.82 10.31
C VAL A 101 9.07 15.35 9.89
N HIS A 102 9.42 14.11 10.24
CA HIS A 102 10.71 13.45 9.92
C HIS A 102 10.48 12.03 9.42
N ALA A 103 11.25 11.61 8.41
CA ALA A 103 11.35 10.23 7.89
C ALA A 103 12.83 9.83 7.81
N ILE A 104 13.27 8.90 8.68
CA ILE A 104 14.70 8.53 8.88
C ILE A 104 14.98 7.22 8.13
N PRO A 105 16.07 7.14 7.32
CA PRO A 105 16.47 5.88 6.70
C PRO A 105 17.26 4.99 7.68
N LEU A 106 16.80 3.76 7.89
CA LEU A 106 17.37 2.82 8.91
C LEU A 106 18.53 2.04 8.28
N ARG A 107 19.45 1.52 9.12
CA ARG A 107 20.71 0.87 8.68
C ARG A 107 20.45 -0.59 8.33
N SER A 108 19.89 -1.37 9.26
CA SER A 108 19.46 -2.79 9.06
C SER A 108 17.93 -2.84 9.01
N SER A 109 17.36 -3.65 8.10
CA SER A 109 15.92 -3.67 7.75
C SER A 109 15.07 -4.22 8.91
N TRP A 110 15.57 -5.19 9.67
CA TRP A 110 14.79 -5.96 10.67
C TRP A 110 14.81 -5.27 12.04
N VAL A 111 13.76 -4.51 12.34
CA VAL A 111 13.55 -3.77 13.62
C VAL A 111 12.29 -4.35 14.29
N MET A 112 12.33 -4.47 15.62
CA MET A 112 11.26 -5.11 16.44
C MET A 112 10.61 -4.13 17.42
N THR A 113 11.38 -3.16 17.95
CA THR A 113 10.94 -2.20 19.00
C THR A 113 11.47 -0.79 18.71
N CYS A 114 10.85 0.23 19.30
CA CYS A 114 11.27 1.65 19.25
C CYS A 114 10.67 2.43 20.42
N ALA A 115 11.38 3.45 20.92
CA ALA A 115 10.99 4.30 22.07
C ALA A 115 11.01 5.78 21.67
N TYR A 116 10.54 6.66 22.56
CA TYR A 116 10.49 8.13 22.38
C TYR A 116 10.68 8.82 23.73
N ALA A 117 11.75 9.62 23.88
CA ALA A 117 12.19 10.22 25.16
C ALA A 117 11.15 11.19 25.70
N PRO A 118 11.01 11.35 27.04
CA PRO A 118 9.98 12.22 27.61
C PRO A 118 10.23 13.73 27.38
N SER A 119 11.49 14.16 27.30
CA SER A 119 11.90 15.54 26.92
C SER A 119 11.54 15.82 25.45
N GLY A 120 11.54 14.79 24.60
CA GLY A 120 11.22 14.87 23.17
C GLY A 120 12.42 15.28 22.33
N ASN A 121 13.64 14.93 22.77
CA ASN A 121 14.93 15.31 22.15
C ASN A 121 15.63 14.09 21.52
N TYR A 122 15.16 12.87 21.79
CA TYR A 122 15.84 11.59 21.40
C TYR A 122 14.83 10.54 20.95
N VAL A 123 15.34 9.54 20.22
CA VAL A 123 14.59 8.34 19.71
C VAL A 123 15.54 7.14 19.73
N ALA A 124 15.05 5.95 20.08
CA ALA A 124 15.79 4.67 20.08
C ALA A 124 15.04 3.64 19.23
N CYS A 125 15.75 2.60 18.78
CA CYS A 125 15.19 1.42 18.06
C CYS A 125 16.24 0.30 17.98
N GLY A 126 15.85 -0.94 18.32
CA GLY A 126 16.69 -2.15 18.26
C GLY A 126 15.95 -3.29 17.57
N GLY A 127 16.69 -4.19 16.91
CA GLY A 127 16.13 -5.25 16.04
C GLY A 127 16.79 -6.60 16.27
N LEU A 128 17.11 -7.32 15.18
CA LEU A 128 17.70 -8.68 15.18
C LEU A 128 19.24 -8.61 15.00
N ASP A 129 19.83 -7.42 15.07
CA ASP A 129 21.29 -7.19 14.91
C ASP A 129 21.97 -7.16 16.29
N ASN A 130 21.19 -7.29 17.38
CA ASN A 130 21.67 -7.32 18.79
C ASN A 130 22.27 -5.96 19.16
N ILE A 131 21.80 -4.87 18.53
CA ILE A 131 22.36 -3.49 18.65
C ILE A 131 21.19 -2.52 18.86
N CYS A 132 21.36 -1.55 19.77
CA CYS A 132 20.40 -0.44 20.04
C CYS A 132 21.04 0.89 19.62
N SER A 133 20.39 1.64 18.74
CA SER A 133 20.89 2.90 18.12
C SER A 133 20.05 4.09 18.61
N ILE A 134 20.72 5.12 19.14
CA ILE A 134 20.10 6.40 19.64
C ILE A 134 20.24 7.45 18.53
N TYR A 135 19.14 8.12 18.16
CA TYR A 135 19.09 9.18 17.12
C TYR A 135 18.86 10.54 17.78
N ASN A 136 19.69 11.53 17.45
CA ASN A 136 19.64 12.91 18.01
C ASN A 136 18.80 13.80 17.08
N LEU A 137 17.57 14.11 17.49
CA LEU A 137 16.70 15.16 16.89
C LEU A 137 17.17 16.52 17.42
N LYS A 138 16.88 17.61 16.69
CA LYS A 138 17.24 19.01 17.05
C LYS A 138 18.77 19.15 17.04
N THR A 139 19.40 18.92 15.89
CA THR A 139 20.85 19.14 15.62
C THR A 139 21.06 20.61 15.22
N ARG A 140 22.28 21.12 15.36
CA ARG A 140 22.65 22.51 14.97
C ARG A 140 22.58 22.65 13.44
N GLU A 141 23.10 21.65 12.71
CA GLU A 141 22.91 21.51 11.24
C GLU A 141 21.52 20.92 10.98
N GLY A 142 21.13 20.81 9.70
CA GLY A 142 19.75 20.49 9.27
C GLY A 142 19.36 19.04 9.55
N ASN A 143 20.12 18.08 9.01
CA ASN A 143 19.76 16.64 8.95
C ASN A 143 19.81 15.99 10.35
N VAL A 144 19.16 14.83 10.49
CA VAL A 144 19.22 13.95 11.69
C VAL A 144 20.37 12.94 11.50
N ARG A 145 21.06 12.58 12.57
CA ARG A 145 22.21 11.62 12.58
C ARG A 145 22.10 10.71 13.80
N VAL A 146 23.02 9.74 13.93
CA VAL A 146 23.08 8.75 15.05
C VAL A 146 24.03 9.30 16.12
N SER A 147 23.51 9.56 17.32
CA SER A 147 24.26 10.10 18.49
C SER A 147 25.24 9.05 19.02
N ARG A 148 24.73 7.87 19.39
CA ARG A 148 25.51 6.78 20.03
C ARG A 148 24.93 5.41 19.66
N GLU A 149 25.76 4.36 19.71
CA GLU A 149 25.38 2.96 19.43
C GLU A 149 25.86 2.07 20.59
N LEU A 150 24.95 1.29 21.18
CA LEU A 150 25.31 0.43 22.34
C LEU A 150 25.08 -1.04 22.01
N ALA A 151 26.15 -1.81 21.79
CA ALA A 151 25.99 -3.26 21.50
C ALA A 151 26.76 -4.09 22.53
N GLY A 152 26.04 -4.70 23.49
CA GLY A 152 26.65 -5.57 24.51
C GLY A 152 25.91 -6.88 24.66
N HIS A 153 24.75 -7.01 24.02
CA HIS A 153 23.91 -8.23 24.16
C HIS A 153 24.42 -9.37 23.28
N THR A 154 23.89 -10.58 23.52
CA THR A 154 24.25 -11.82 22.77
C THR A 154 23.08 -12.26 21.87
N GLY A 155 21.83 -11.92 22.22
CA GLY A 155 20.62 -12.26 21.46
C GLY A 155 19.87 -11.02 20.99
N TYR A 156 18.83 -11.21 20.16
CA TYR A 156 17.96 -10.14 19.58
C TYR A 156 17.30 -9.33 20.70
N LEU A 157 16.99 -8.05 20.42
CA LEU A 157 16.33 -7.11 21.37
C LEU A 157 14.81 -7.24 21.26
N SER A 158 14.12 -7.34 22.41
CA SER A 158 12.65 -7.49 22.53
C SER A 158 12.00 -6.12 22.75
N CYS A 159 12.42 -5.43 23.82
CA CYS A 159 11.84 -4.12 24.28
C CYS A 159 12.97 -3.20 24.76
N CYS A 160 12.71 -1.88 24.78
CA CYS A 160 13.60 -0.84 25.37
C CYS A 160 12.78 0.41 25.73
N ARG A 161 13.10 1.03 26.87
CA ARG A 161 12.38 2.20 27.45
C ARG A 161 13.39 3.24 27.97
N PHE A 162 13.27 4.49 27.53
CA PHE A 162 14.05 5.66 28.04
C PHE A 162 13.65 5.93 29.49
N LEU A 163 14.57 5.70 30.44
CA LEU A 163 14.38 6.07 31.87
C LEU A 163 14.59 7.59 31.99
N ASP A 164 15.72 8.08 31.46
CA ASP A 164 16.05 9.54 31.35
C ASP A 164 16.92 9.75 30.10
N ASP A 165 17.29 11.01 29.80
CA ASP A 165 18.09 11.39 28.61
C ASP A 165 19.51 10.79 28.65
N ASN A 166 19.94 10.21 29.78
CA ASN A 166 21.25 9.51 29.91
C ASN A 166 21.09 8.12 30.55
N GLN A 167 19.87 7.54 30.56
CA GLN A 167 19.59 6.22 31.18
C GLN A 167 18.46 5.50 30.44
N ILE A 168 18.73 4.28 29.94
CA ILE A 168 17.80 3.43 29.15
C ILE A 168 17.90 1.98 29.65
N VAL A 169 16.77 1.26 29.67
CA VAL A 169 16.65 -0.17 30.11
C VAL A 169 16.32 -1.01 28.87
N THR A 170 17.00 -2.16 28.70
CA THR A 170 16.95 -3.02 27.48
C THR A 170 16.89 -4.50 27.86
N SER A 171 15.91 -5.24 27.35
CA SER A 171 15.76 -6.72 27.47
C SER A 171 15.98 -7.38 26.10
N SER A 172 16.39 -8.66 26.12
CA SER A 172 16.81 -9.43 24.92
C SER A 172 16.28 -10.87 24.97
N GLY A 173 16.53 -11.64 23.90
CA GLY A 173 16.30 -13.09 23.82
C GLY A 173 17.49 -13.88 24.36
N ASP A 174 18.42 -13.23 25.07
CA ASP A 174 19.57 -13.85 25.78
C ASP A 174 19.15 -14.26 27.19
N THR A 175 17.88 -14.10 27.56
CA THR A 175 17.27 -14.47 28.87
C THR A 175 17.81 -13.55 29.98
N THR A 176 18.20 -12.32 29.65
CA THR A 176 18.69 -11.28 30.60
C THR A 176 18.25 -9.88 30.14
N CYS A 177 18.35 -8.89 31.03
CA CYS A 177 18.20 -7.44 30.74
C CYS A 177 19.18 -6.64 31.60
N ALA A 178 19.55 -5.44 31.12
CA ALA A 178 20.63 -4.60 31.70
C ALA A 178 20.26 -3.11 31.59
N LEU A 179 20.95 -2.27 32.38
CA LEU A 179 20.77 -0.79 32.40
C LEU A 179 22.04 -0.13 31.84
N TRP A 180 21.87 0.86 30.96
CA TRP A 180 22.96 1.53 30.18
C TRP A 180 23.13 2.99 30.62
N ASP A 181 24.33 3.53 30.39
CA ASP A 181 24.68 4.97 30.52
C ASP A 181 25.06 5.49 29.13
N ILE A 182 24.22 6.36 28.54
CA ILE A 182 24.27 6.74 27.10
C ILE A 182 25.53 7.59 26.82
N GLU A 183 25.98 8.39 27.79
CA GLU A 183 27.10 9.36 27.63
C GLU A 183 28.44 8.62 27.51
N THR A 184 28.70 7.62 28.36
CA THR A 184 29.94 6.80 28.35
C THR A 184 29.79 5.61 27.39
N GLY A 185 28.57 5.07 27.27
CA GLY A 185 28.24 3.96 26.35
C GLY A 185 28.69 2.61 26.88
N GLN A 186 28.46 2.35 28.17
CA GLN A 186 28.84 1.10 28.88
C GLN A 186 27.66 0.64 29.75
N GLN A 187 27.58 -0.67 30.04
CA GLN A 187 26.56 -1.27 30.94
C GLN A 187 26.85 -0.85 32.38
N THR A 188 25.82 -0.39 33.11
CA THR A 188 25.89 0.03 34.53
C THR A 188 25.65 -1.17 35.43
N THR A 189 24.56 -1.92 35.19
CA THR A 189 24.12 -3.09 35.99
C THR A 189 23.34 -4.08 35.11
N THR A 190 23.42 -5.38 35.43
CA THR A 190 22.78 -6.51 34.70
C THR A 190 21.87 -7.29 35.66
N PHE A 191 20.66 -7.67 35.22
CA PHE A 191 19.63 -8.42 35.98
C PHE A 191 19.50 -9.84 35.38
N THR A 192 19.63 -10.92 36.16
CA THR A 192 19.94 -12.30 35.63
C THR A 192 18.86 -13.37 35.94
N GLY A 193 17.87 -13.12 36.78
CA GLY A 193 16.94 -14.13 37.36
C GLY A 193 16.33 -15.15 36.38
N HIS A 194 15.75 -14.71 35.25
CA HIS A 194 14.86 -15.51 34.35
C HIS A 194 15.59 -16.74 33.75
N THR A 195 14.83 -17.72 33.23
CA THR A 195 15.32 -18.95 32.54
C THR A 195 14.81 -19.07 31.09
N GLY A 196 14.05 -18.08 30.58
CA GLY A 196 13.50 -18.09 29.20
C GLY A 196 13.71 -16.73 28.54
N ASP A 197 13.32 -16.62 27.26
CA ASP A 197 13.46 -15.36 26.45
C ASP A 197 12.52 -14.29 27.03
N VAL A 198 13.06 -13.11 27.35
CA VAL A 198 12.28 -11.95 27.91
C VAL A 198 11.59 -11.25 26.72
N MET A 199 10.28 -11.01 26.83
CA MET A 199 9.40 -10.57 25.73
C MET A 199 9.02 -9.08 25.87
N SER A 200 8.73 -8.62 27.10
CA SER A 200 8.30 -7.22 27.39
C SER A 200 8.74 -6.78 28.79
N LEU A 201 8.76 -5.46 29.01
CA LEU A 201 8.96 -4.81 30.33
C LEU A 201 8.15 -3.52 30.40
N SER A 202 7.95 -2.99 31.61
CA SER A 202 7.11 -1.79 31.90
C SER A 202 7.68 -1.02 33.10
N LEU A 203 7.94 0.28 32.94
CA LEU A 203 8.42 1.18 34.03
C LEU A 203 7.26 1.50 34.97
N ALA A 204 7.55 1.74 36.26
CA ALA A 204 6.58 2.26 37.27
C ALA A 204 6.38 3.76 37.05
N PRO A 205 5.28 4.38 37.58
CA PRO A 205 5.07 5.82 37.45
C PRO A 205 6.17 6.72 38.01
N ASP A 206 6.83 6.29 39.10
CA ASP A 206 7.89 7.08 39.82
C ASP A 206 9.29 6.69 39.31
N THR A 207 9.40 5.85 38.27
CA THR A 207 10.66 5.39 37.63
C THR A 207 11.63 4.82 38.68
N ARG A 208 11.11 4.05 39.63
CA ARG A 208 11.87 3.37 40.71
C ARG A 208 11.88 1.86 40.47
N LEU A 209 10.73 1.28 40.11
CA LEU A 209 10.52 -0.18 39.89
C LEU A 209 10.14 -0.44 38.41
N PHE A 210 10.47 -1.64 37.91
CA PHE A 210 9.97 -2.18 36.62
C PHE A 210 9.74 -3.69 36.76
N VAL A 211 8.78 -4.23 36.00
CA VAL A 211 8.41 -5.68 35.93
C VAL A 211 8.57 -6.15 34.49
N SER A 212 8.99 -7.41 34.29
CA SER A 212 9.16 -8.06 32.97
C SER A 212 8.39 -9.39 32.94
N GLY A 213 8.19 -9.94 31.73
CA GLY A 213 7.51 -11.24 31.51
C GLY A 213 8.13 -11.99 30.35
N ALA A 214 8.38 -13.29 30.51
CA ALA A 214 9.21 -14.13 29.60
C ALA A 214 8.50 -15.43 29.22
N CYS A 215 9.20 -16.32 28.50
CA CYS A 215 8.68 -17.58 27.90
C CYS A 215 8.91 -18.79 28.83
N ASP A 216 9.09 -18.57 30.13
CA ASP A 216 9.05 -19.63 31.18
C ASP A 216 7.72 -19.53 31.95
N ALA A 217 6.77 -18.72 31.44
CA ALA A 217 5.40 -18.52 31.98
C ALA A 217 5.47 -17.95 33.40
N SER A 218 6.27 -16.91 33.61
CA SER A 218 6.43 -16.20 34.91
C SER A 218 6.82 -14.73 34.69
N ALA A 219 6.58 -13.90 35.71
CA ALA A 219 6.88 -12.45 35.75
C ALA A 219 7.54 -12.10 37.09
N LYS A 220 8.56 -11.24 37.05
CA LYS A 220 9.38 -10.82 38.24
C LYS A 220 9.35 -9.30 38.37
N LEU A 221 9.61 -8.80 39.59
CA LEU A 221 9.64 -7.36 39.96
C LEU A 221 11.03 -7.01 40.48
N TRP A 222 11.75 -6.11 39.79
CA TRP A 222 13.15 -5.70 40.09
C TRP A 222 13.17 -4.38 40.88
N ASP A 223 14.37 -4.00 41.34
CA ASP A 223 14.68 -2.72 42.01
C ASP A 223 15.90 -2.10 41.31
N VAL A 224 15.71 -0.95 40.66
CA VAL A 224 16.66 -0.35 39.68
C VAL A 224 17.97 0.04 40.41
N ARG A 225 17.86 0.73 41.56
CA ARG A 225 19.03 1.28 42.30
C ARG A 225 19.79 0.17 43.02
N GLU A 226 19.12 -0.93 43.41
CA GLU A 226 19.70 -2.05 44.19
C GLU A 226 20.28 -3.10 43.24
N GLY A 227 19.44 -3.66 42.35
CA GLY A 227 19.83 -4.71 41.39
C GLY A 227 19.54 -6.11 41.93
N MET A 228 18.28 -6.36 42.29
CA MET A 228 17.79 -7.67 42.81
C MET A 228 16.29 -7.80 42.55
N CYS A 229 15.79 -9.03 42.37
CA CYS A 229 14.34 -9.36 42.26
C CYS A 229 13.76 -9.53 43.67
N ARG A 230 12.53 -9.05 43.89
CA ARG A 230 11.83 -9.06 45.20
C ARG A 230 10.75 -10.15 45.21
N GLN A 231 9.90 -10.20 44.16
CA GLN A 231 8.72 -11.10 44.08
C GLN A 231 8.66 -11.76 42.69
N THR A 232 8.08 -12.96 42.63
CA THR A 232 7.81 -13.74 41.39
C THR A 232 6.34 -14.18 41.39
N PHE A 233 5.61 -13.91 40.32
CA PHE A 233 4.16 -14.20 40.19
C PHE A 233 3.95 -15.30 39.15
N THR A 234 3.52 -16.50 39.53
CA THR A 234 3.35 -17.58 38.51
C THR A 234 1.90 -18.04 38.38
N GLY A 235 1.18 -17.62 37.33
CA GLY A 235 -0.22 -18.02 37.13
C GLY A 235 -0.61 -18.37 35.69
N HIS A 236 0.35 -18.55 34.77
CA HIS A 236 -0.03 -18.82 33.34
C HIS A 236 0.25 -20.27 32.91
N GLU A 237 -0.03 -20.57 31.63
CA GLU A 237 0.19 -21.93 31.06
C GLU A 237 0.82 -21.79 29.67
N SER A 238 1.46 -20.66 29.41
CA SER A 238 2.13 -20.34 28.11
C SER A 238 3.04 -19.12 28.23
N ASP A 239 3.58 -18.67 27.09
CA ASP A 239 4.56 -17.56 26.97
C ASP A 239 3.81 -16.23 27.10
N ILE A 240 4.23 -15.39 28.06
CA ILE A 240 3.68 -14.02 28.30
C ILE A 240 4.22 -13.10 27.20
N ASN A 241 3.34 -12.35 26.52
CA ASN A 241 3.70 -11.48 25.37
C ASN A 241 3.75 -10.01 25.82
N ALA A 242 2.63 -9.50 26.37
CA ALA A 242 2.43 -8.08 26.76
C ALA A 242 2.30 -7.97 28.28
N ILE A 243 2.64 -6.79 28.81
CA ILE A 243 2.54 -6.44 30.27
C ILE A 243 2.40 -4.93 30.40
N CYS A 244 1.69 -4.45 31.43
CA CYS A 244 1.34 -3.01 31.63
C CYS A 244 1.00 -2.74 33.11
N PHE A 245 1.52 -1.63 33.67
CA PHE A 245 1.27 -1.19 35.07
C PHE A 245 -0.11 -0.54 35.18
N PHE A 246 -0.70 -0.60 36.38
CA PHE A 246 -1.97 0.08 36.77
C PHE A 246 -1.66 1.54 37.14
N PRO A 247 -2.51 2.53 36.77
CA PRO A 247 -2.21 3.94 37.01
C PRO A 247 -1.79 4.29 38.45
N ASN A 248 -2.45 3.68 39.44
CA ASN A 248 -2.17 3.81 40.90
C ASN A 248 -0.74 3.36 41.21
N GLY A 249 -0.24 2.34 40.49
CA GLY A 249 1.14 1.81 40.62
C GLY A 249 1.25 0.77 41.74
N ASN A 250 0.17 0.02 42.00
CA ASN A 250 0.10 -1.06 43.03
C ASN A 250 -0.52 -2.33 42.43
N ALA A 251 -0.45 -2.49 41.10
CA ALA A 251 -1.03 -3.63 40.33
C ALA A 251 -0.57 -3.55 38.87
N PHE A 252 -0.63 -4.69 38.16
CA PHE A 252 -0.33 -4.79 36.70
C PHE A 252 -1.18 -5.91 36.08
N ALA A 253 -1.18 -5.97 34.74
CA ALA A 253 -1.97 -6.93 33.92
C ALA A 253 -1.07 -7.54 32.84
N THR A 254 -1.10 -8.87 32.70
CA THR A 254 -0.23 -9.67 31.78
C THR A 254 -1.07 -10.29 30.67
N GLY A 255 -0.63 -10.15 29.41
CA GLY A 255 -1.21 -10.79 28.22
C GLY A 255 -0.39 -11.99 27.79
N SER A 256 -1.05 -13.12 27.51
CA SER A 256 -0.42 -14.44 27.24
C SER A 256 -0.88 -15.02 25.90
N ASP A 257 -0.35 -16.21 25.56
CA ASP A 257 -0.55 -16.91 24.26
C ASP A 257 -1.54 -18.06 24.41
N ASP A 258 -2.45 -18.00 25.40
CA ASP A 258 -3.51 -19.02 25.64
C ASP A 258 -4.85 -18.31 25.92
N ALA A 259 -5.07 -17.14 25.28
CA ALA A 259 -6.35 -16.40 25.23
C ALA A 259 -6.87 -16.08 26.63
N THR A 260 -5.99 -15.60 27.52
CA THR A 260 -6.33 -15.19 28.92
C THR A 260 -5.47 -14.00 29.34
N CYS A 261 -6.06 -13.06 30.10
CA CYS A 261 -5.38 -11.94 30.80
C CYS A 261 -5.59 -12.10 32.31
N ARG A 262 -4.60 -11.70 33.12
CA ARG A 262 -4.63 -11.83 34.60
C ARG A 262 -4.41 -10.46 35.24
N LEU A 263 -4.86 -10.26 36.47
CA LEU A 263 -4.68 -9.01 37.26
C LEU A 263 -4.04 -9.34 38.62
N PHE A 264 -2.81 -8.87 38.85
CA PHE A 264 -2.00 -9.13 40.08
C PHE A 264 -1.94 -7.88 40.96
N ASP A 265 -1.73 -8.10 42.27
CA ASP A 265 -1.47 -7.03 43.28
C ASP A 265 -0.06 -7.20 43.84
N LEU A 266 0.51 -6.13 44.41
CA LEU A 266 1.91 -6.08 44.90
C LEU A 266 1.94 -6.16 46.44
N ARG A 267 1.06 -5.44 47.15
CA ARG A 267 1.00 -5.42 48.63
C ARG A 267 0.43 -6.77 49.13
N ALA A 268 -0.62 -7.28 48.48
CA ALA A 268 -1.11 -8.67 48.59
C ALA A 268 -0.55 -9.48 47.41
N ASP A 269 0.04 -10.64 47.67
CA ASP A 269 0.95 -11.35 46.73
C ASP A 269 0.19 -12.23 45.73
N GLN A 270 -1.13 -12.39 45.88
CA GLN A 270 -1.97 -13.31 45.05
C GLN A 270 -2.31 -12.66 43.69
N GLU A 271 -2.92 -13.45 42.81
CA GLU A 271 -3.62 -13.01 41.58
C GLU A 271 -5.09 -12.74 41.95
N LEU A 272 -5.64 -11.59 41.54
CA LEU A 272 -6.98 -11.10 41.98
C LEU A 272 -8.07 -11.34 40.93
N MET A 273 -7.73 -11.52 39.64
CA MET A 273 -8.78 -11.73 38.59
C MET A 273 -8.19 -12.29 37.28
N THR A 274 -9.07 -12.99 36.54
CA THR A 274 -8.86 -13.58 35.19
C THR A 274 -9.94 -13.04 34.23
N TYR A 275 -9.58 -12.81 32.97
CA TYR A 275 -10.48 -12.35 31.87
C TYR A 275 -10.42 -13.35 30.72
N SER A 276 -11.55 -14.00 30.41
CA SER A 276 -11.66 -15.05 29.37
C SER A 276 -13.10 -15.16 28.84
N HIS A 277 -13.26 -15.31 27.53
CA HIS A 277 -14.54 -15.60 26.83
C HIS A 277 -14.41 -16.95 26.08
N ASP A 278 -15.49 -17.71 26.01
CA ASP A 278 -15.52 -19.10 25.47
C ASP A 278 -15.36 -19.09 23.94
N ASN A 279 -15.66 -17.96 23.28
CA ASN A 279 -15.56 -17.80 21.80
C ASN A 279 -14.09 -17.73 21.38
N ILE A 280 -13.35 -16.74 21.87
CA ILE A 280 -11.91 -16.45 21.50
C ILE A 280 -11.02 -17.63 21.91
N ILE A 281 -10.08 -18.01 21.05
CA ILE A 281 -9.20 -19.22 21.21
C ILE A 281 -7.74 -18.92 20.82
N CYS A 282 -7.36 -17.64 20.64
CA CYS A 282 -6.03 -17.21 20.12
C CYS A 282 -5.35 -16.25 21.10
N GLY A 283 -4.02 -16.11 21.00
CA GLY A 283 -3.17 -15.37 21.95
C GLY A 283 -3.36 -13.87 21.88
N ILE A 284 -2.93 -13.16 22.93
CA ILE A 284 -2.95 -11.66 23.05
C ILE A 284 -1.57 -11.13 22.64
N THR A 285 -1.54 -10.01 21.90
CA THR A 285 -0.30 -9.35 21.41
C THR A 285 0.04 -8.12 22.27
N SER A 286 -0.96 -7.31 22.65
CA SER A 286 -0.80 -6.02 23.38
C SER A 286 -1.89 -5.85 24.45
N VAL A 287 -1.56 -5.20 25.57
CA VAL A 287 -2.53 -4.74 26.62
C VAL A 287 -2.24 -3.27 26.94
N SER A 288 -3.23 -2.56 27.50
CA SER A 288 -3.14 -1.14 27.93
C SER A 288 -4.37 -0.74 28.77
N PHE A 289 -4.16 0.12 29.77
CA PHE A 289 -5.21 0.67 30.68
C PHE A 289 -5.70 2.04 30.19
N SER A 290 -6.86 2.48 30.68
CA SER A 290 -7.41 3.86 30.53
C SER A 290 -6.80 4.77 31.61
N LYS A 291 -7.04 6.09 31.51
CA LYS A 291 -6.40 7.13 32.38
C LYS A 291 -6.83 6.94 33.84
N SER A 292 -8.14 6.80 34.09
CA SER A 292 -8.73 6.51 35.43
C SER A 292 -8.43 5.05 35.82
N GLY A 293 -8.28 4.17 34.82
CA GLY A 293 -7.96 2.74 35.00
C GLY A 293 -9.21 1.92 35.28
N ARG A 294 -10.33 2.26 34.65
CA ARG A 294 -11.64 1.56 34.77
C ARG A 294 -11.88 0.69 33.52
N LEU A 295 -11.21 0.98 32.40
CA LEU A 295 -11.23 0.15 31.15
C LEU A 295 -9.85 -0.47 30.93
N LEU A 296 -9.81 -1.63 30.26
CA LEU A 296 -8.59 -2.40 29.92
C LEU A 296 -8.70 -2.89 28.46
N LEU A 297 -7.90 -2.31 27.56
CA LEU A 297 -7.89 -2.67 26.11
C LEU A 297 -6.87 -3.79 25.88
N ALA A 298 -7.18 -4.72 24.97
CA ALA A 298 -6.36 -5.91 24.66
C ALA A 298 -6.43 -6.22 23.15
N GLY A 299 -5.26 -6.34 22.50
CA GLY A 299 -5.13 -6.68 21.07
C GLY A 299 -4.95 -8.18 20.88
N TYR A 300 -5.85 -8.81 20.12
CA TYR A 300 -5.80 -10.24 19.72
C TYR A 300 -5.30 -10.36 18.28
N ASP A 301 -5.00 -11.58 17.83
CA ASP A 301 -4.44 -11.87 16.48
C ASP A 301 -5.51 -12.52 15.59
N ASP A 302 -6.80 -12.24 15.86
CA ASP A 302 -7.96 -12.67 15.03
C ASP A 302 -8.62 -11.42 14.41
N PHE A 303 -7.86 -10.34 14.19
CA PHE A 303 -8.27 -9.09 13.52
C PHE A 303 -9.33 -8.35 14.34
N ASN A 304 -9.21 -8.37 15.67
CA ASN A 304 -10.25 -7.87 16.61
C ASN A 304 -9.58 -7.35 17.89
N CYS A 305 -10.06 -6.22 18.43
CA CYS A 305 -9.60 -5.58 19.69
C CYS A 305 -10.78 -5.40 20.64
N ASN A 306 -10.77 -6.09 21.79
CA ASN A 306 -11.87 -6.09 22.80
C ASN A 306 -11.62 -5.00 23.85
N VAL A 307 -12.69 -4.60 24.56
CA VAL A 307 -12.67 -3.60 25.67
C VAL A 307 -13.34 -4.24 26.89
N TRP A 308 -12.55 -4.69 27.87
CA TRP A 308 -13.02 -5.37 29.10
C TRP A 308 -13.34 -4.33 30.18
N ASP A 309 -14.35 -4.61 31.00
CA ASP A 309 -14.55 -3.93 32.31
C ASP A 309 -13.46 -4.44 33.27
N ALA A 310 -12.87 -3.56 34.07
CA ALA A 310 -11.68 -3.84 34.91
C ALA A 310 -12.07 -4.30 36.32
N LEU A 311 -13.37 -4.38 36.65
CA LEU A 311 -13.87 -4.83 37.98
C LEU A 311 -14.94 -5.92 37.82
N LYS A 312 -15.92 -5.72 36.94
CA LYS A 312 -17.00 -6.71 36.64
C LYS A 312 -16.45 -7.89 35.83
N ALA A 313 -15.42 -7.66 35.00
CA ALA A 313 -14.72 -8.66 34.16
C ALA A 313 -15.67 -9.20 33.07
N ASP A 314 -16.32 -8.30 32.34
CA ASP A 314 -17.16 -8.62 31.16
C ASP A 314 -16.85 -7.61 30.05
N ARG A 315 -17.16 -7.97 28.80
CA ARG A 315 -16.89 -7.13 27.60
C ARG A 315 -17.85 -5.95 27.58
N ALA A 316 -17.33 -4.73 27.33
CA ALA A 316 -18.06 -3.45 27.33
C ALA A 316 -18.13 -2.85 25.91
N GLY A 317 -17.56 -3.51 24.91
CA GLY A 317 -17.50 -3.01 23.52
C GLY A 317 -16.43 -3.71 22.68
N VAL A 318 -16.47 -3.50 21.37
CA VAL A 318 -15.55 -4.11 20.36
C VAL A 318 -15.15 -3.04 19.35
N LEU A 319 -13.85 -2.79 19.17
CA LEU A 319 -13.32 -1.87 18.12
C LEU A 319 -13.29 -2.61 16.78
N ALA A 320 -13.74 -1.94 15.71
CA ALA A 320 -13.86 -2.49 14.32
C ALA A 320 -12.50 -3.01 13.84
N GLY A 321 -12.52 -4.11 13.09
CA GLY A 321 -11.31 -4.88 12.71
C GLY A 321 -10.45 -4.15 11.69
N HIS A 322 -9.14 -4.43 11.71
CA HIS A 322 -8.18 -4.15 10.62
C HIS A 322 -8.25 -5.31 9.61
N ASP A 323 -7.52 -5.20 8.50
CA ASP A 323 -7.43 -6.26 7.44
C ASP A 323 -6.52 -7.40 7.93
N ASN A 324 -5.55 -7.12 8.81
CA ASN A 324 -4.56 -8.10 9.32
C ASN A 324 -4.33 -7.88 10.83
N ARG A 325 -3.54 -8.75 11.46
CA ARG A 325 -3.32 -8.85 12.94
C ARG A 325 -2.97 -7.50 13.57
N VAL A 326 -3.53 -7.21 14.75
CA VAL A 326 -3.18 -6.06 15.62
C VAL A 326 -1.90 -6.42 16.39
N SER A 327 -0.81 -5.68 16.15
CA SER A 327 0.54 -5.92 16.72
C SER A 327 0.80 -5.00 17.92
N CYS A 328 0.36 -3.74 17.86
CA CYS A 328 0.67 -2.67 18.86
C CYS A 328 -0.49 -1.69 18.99
N LEU A 329 -0.87 -1.35 20.22
CA LEU A 329 -1.88 -0.30 20.56
C LEU A 329 -1.37 0.53 21.74
N GLY A 330 -1.70 1.82 21.76
CA GLY A 330 -1.25 2.78 22.80
C GLY A 330 -2.32 3.79 23.15
N VAL A 331 -2.55 3.99 24.46
CA VAL A 331 -3.41 5.08 25.02
C VAL A 331 -2.49 6.27 25.34
N THR A 332 -2.96 7.49 25.07
CA THR A 332 -2.20 8.76 25.24
C THR A 332 -2.33 9.25 26.69
N ASP A 333 -1.56 10.27 27.08
CA ASP A 333 -1.34 10.70 28.49
C ASP A 333 -2.61 11.36 29.05
N ASP A 334 -3.07 12.45 28.42
CA ASP A 334 -4.31 13.18 28.79
C ASP A 334 -5.54 12.27 28.59
N GLY A 335 -5.43 11.25 27.74
CA GLY A 335 -6.36 10.11 27.64
C GLY A 335 -7.47 10.32 26.61
N MET A 336 -7.28 11.25 25.66
CA MET A 336 -8.32 11.64 24.67
C MET A 336 -8.53 10.51 23.66
N ALA A 337 -7.44 10.01 23.05
CA ALA A 337 -7.46 9.06 21.91
C ALA A 337 -6.80 7.73 22.26
N VAL A 338 -7.07 6.70 21.45
CA VAL A 338 -6.32 5.41 21.38
C VAL A 338 -5.83 5.25 19.94
N ALA A 339 -4.61 4.72 19.76
CA ALA A 339 -3.96 4.47 18.45
C ALA A 339 -3.52 3.02 18.35
N THR A 340 -3.75 2.38 17.20
CA THR A 340 -3.43 0.95 16.92
C THR A 340 -2.70 0.83 15.57
N GLY A 341 -1.72 -0.09 15.50
CA GLY A 341 -1.03 -0.49 14.26
C GLY A 341 -1.29 -1.96 13.94
N SER A 342 -0.98 -2.39 12.71
CA SER A 342 -1.28 -3.76 12.23
C SER A 342 -0.46 -4.11 10.97
N TRP A 343 -0.50 -5.39 10.59
CA TRP A 343 0.31 -6.01 9.51
C TRP A 343 -0.22 -5.65 8.11
N ASP A 344 -1.32 -4.90 8.00
CA ASP A 344 -1.84 -4.37 6.70
C ASP A 344 -1.25 -2.97 6.43
N SER A 345 -0.41 -2.46 7.34
CA SER A 345 0.47 -1.27 7.18
C SER A 345 -0.33 0.05 7.22
N PHE A 346 -1.45 0.12 7.95
CA PHE A 346 -2.18 1.38 8.22
C PHE A 346 -2.35 1.57 9.73
N LEU A 347 -2.15 2.80 10.21
CA LEU A 347 -2.48 3.23 11.59
C LEU A 347 -3.87 3.87 11.59
N LYS A 348 -4.64 3.65 12.67
CA LYS A 348 -5.99 4.23 12.87
C LYS A 348 -6.08 4.79 14.29
N ILE A 349 -6.63 6.00 14.45
CA ILE A 349 -6.85 6.67 15.77
C ILE A 349 -8.35 6.67 16.07
N TRP A 350 -8.71 6.25 17.29
CA TRP A 350 -10.10 6.07 17.77
C TRP A 350 -10.42 7.13 18.84
N ASN A 351 -11.67 7.21 19.27
CA ASN A 351 -12.15 8.17 20.30
C ASN A 351 -13.48 7.67 20.88
N ALA B 1 -33.03 -4.45 -43.06
CA ALA B 1 -33.36 -5.78 -42.48
C ALA B 1 -32.56 -6.86 -43.19
N SER B 2 -33.23 -7.94 -43.62
CA SER B 2 -32.56 -9.07 -44.33
C SER B 2 -33.56 -9.84 -45.19
N ASN B 3 -33.04 -10.66 -46.12
CA ASN B 3 -33.85 -11.50 -47.04
C ASN B 3 -34.81 -10.64 -47.90
N PHE B 4 -34.33 -9.50 -48.40
CA PHE B 4 -35.15 -8.62 -49.27
C PHE B 4 -35.21 -9.25 -50.67
N ASP B 5 -36.42 -9.38 -51.24
CA ASP B 5 -36.58 -10.01 -52.57
C ASP B 5 -36.00 -9.08 -53.65
N CYS B 6 -35.14 -9.62 -54.51
CA CYS B 6 -34.46 -8.86 -55.60
C CYS B 6 -34.69 -9.53 -56.96
N CYS B 7 -34.47 -8.78 -58.03
CA CYS B 7 -34.42 -9.26 -59.45
C CYS B 7 -32.96 -9.45 -59.86
N LEU B 8 -32.60 -10.65 -60.30
CA LEU B 8 -31.20 -11.05 -60.64
C LEU B 8 -30.89 -10.68 -62.10
N GLY B 9 -31.61 -11.27 -63.05
CA GLY B 9 -31.38 -11.08 -64.50
C GLY B 9 -32.20 -9.94 -65.09
N TYR B 10 -31.83 -9.46 -66.28
CA TYR B 10 -32.56 -8.44 -67.09
C TYR B 10 -33.15 -9.09 -68.36
N THR B 11 -32.35 -9.89 -69.06
CA THR B 11 -32.62 -10.47 -70.42
C THR B 11 -34.10 -10.82 -70.59
N ASP B 12 -34.71 -10.35 -71.68
CA ASP B 12 -36.12 -10.64 -72.04
C ASP B 12 -36.35 -10.34 -73.53
N ARG B 13 -37.56 -10.63 -74.01
CA ARG B 13 -38.12 -10.17 -75.31
C ARG B 13 -38.95 -8.91 -75.05
N ILE B 14 -39.18 -8.06 -76.05
CA ILE B 14 -40.03 -6.85 -75.89
C ILE B 14 -41.49 -7.29 -75.73
N LEU B 15 -42.24 -6.52 -74.96
CA LEU B 15 -43.63 -6.78 -74.50
C LEU B 15 -44.51 -5.66 -75.04
N HIS B 16 -45.53 -5.96 -75.87
CA HIS B 16 -46.44 -4.92 -76.41
C HIS B 16 -47.22 -4.31 -75.24
N PRO B 17 -47.32 -2.96 -75.11
CA PRO B 17 -47.77 -2.32 -73.88
C PRO B 17 -49.10 -2.78 -73.24
N LYS B 18 -49.95 -3.50 -73.99
CA LYS B 18 -51.32 -3.89 -73.55
C LYS B 18 -51.30 -5.04 -72.54
N PHE B 19 -50.14 -5.63 -72.24
CA PHE B 19 -50.00 -6.69 -71.19
C PHE B 19 -49.47 -6.06 -69.90
N ILE B 20 -49.36 -4.72 -69.82
CA ILE B 20 -48.83 -3.96 -68.65
C ILE B 20 -49.97 -3.11 -68.04
N VAL B 21 -50.26 -3.28 -66.74
CA VAL B 21 -51.09 -2.32 -65.94
C VAL B 21 -50.20 -1.57 -64.93
N GLY B 22 -49.43 -2.28 -64.11
CA GLY B 22 -48.69 -1.69 -62.97
C GLY B 22 -47.19 -2.00 -63.01
N PHE B 23 -46.36 -1.10 -62.49
CA PHE B 23 -44.88 -1.23 -62.43
C PHE B 23 -44.31 -0.49 -61.20
N THR B 24 -43.17 -0.97 -60.70
CA THR B 24 -42.35 -0.34 -59.62
C THR B 24 -40.91 -0.16 -60.12
N ARG B 25 -40.04 0.40 -59.28
CA ARG B 25 -38.59 0.63 -59.57
C ARG B 25 -37.75 0.06 -58.43
N GLN B 26 -36.94 -0.97 -58.73
CA GLN B 26 -35.87 -1.51 -57.85
C GLN B 26 -34.72 -0.49 -57.81
N LEU B 27 -34.18 -0.19 -56.63
CA LEU B 27 -33.10 0.81 -56.44
C LEU B 27 -31.80 0.13 -55.99
N ALA B 28 -30.69 0.48 -56.66
CA ALA B 28 -29.32 0.02 -56.35
C ALA B 28 -28.82 0.66 -55.05
N ASN B 29 -29.43 1.77 -54.65
CA ASN B 29 -29.16 2.49 -53.38
C ASN B 29 -29.59 1.65 -52.18
N GLU B 30 -30.80 1.08 -52.21
CA GLU B 30 -31.49 0.50 -51.02
C GLU B 30 -31.82 -0.98 -51.27
N GLY B 31 -31.35 -1.87 -50.38
CA GLY B 31 -31.74 -3.30 -50.33
C GLY B 31 -30.90 -4.16 -51.27
N CYS B 32 -31.14 -4.04 -52.58
CA CYS B 32 -30.53 -4.88 -53.66
C CYS B 32 -29.21 -4.27 -54.13
N ASP B 33 -28.51 -4.97 -55.04
CA ASP B 33 -27.21 -4.56 -55.64
C ASP B 33 -27.46 -3.69 -56.88
N ILE B 34 -28.30 -4.15 -57.82
CA ILE B 34 -28.56 -3.47 -59.13
C ILE B 34 -29.88 -2.67 -59.03
N ASN B 35 -30.17 -1.86 -60.05
CA ASN B 35 -31.45 -1.10 -60.20
C ASN B 35 -32.16 -1.58 -61.47
N ALA B 36 -33.48 -1.64 -61.43
CA ALA B 36 -34.34 -2.23 -62.48
C ALA B 36 -35.79 -1.72 -62.40
N ILE B 37 -36.58 -2.02 -63.42
CA ILE B 37 -38.03 -1.70 -63.53
C ILE B 37 -38.80 -3.02 -63.67
N ILE B 38 -39.43 -3.49 -62.59
CA ILE B 38 -40.30 -4.71 -62.58
C ILE B 38 -41.62 -4.35 -63.28
N PHE B 39 -42.15 -5.28 -64.09
CA PHE B 39 -43.43 -5.15 -64.84
C PHE B 39 -44.42 -6.21 -64.33
N HIS B 40 -45.63 -5.77 -63.99
CA HIS B 40 -46.79 -6.62 -63.59
C HIS B 40 -47.79 -6.66 -64.73
N THR B 41 -48.15 -7.87 -65.18
CA THR B 41 -49.11 -8.14 -66.29
C THR B 41 -50.44 -8.62 -65.70
N LYS B 42 -51.43 -8.93 -66.55
CA LYS B 42 -52.78 -9.40 -66.11
C LYS B 42 -52.66 -10.76 -65.43
N LYS B 43 -51.95 -11.68 -66.06
CA LYS B 43 -51.45 -12.91 -65.41
C LYS B 43 -50.47 -12.49 -64.32
N LYS B 44 -50.56 -13.09 -63.13
CA LYS B 44 -49.72 -12.71 -61.97
C LYS B 44 -48.28 -13.16 -62.22
N LEU B 45 -47.52 -12.38 -63.00
CA LEU B 45 -46.07 -12.58 -63.25
C LEU B 45 -45.29 -11.41 -62.63
N SER B 46 -43.98 -11.39 -62.86
CA SER B 46 -43.06 -10.33 -62.35
C SER B 46 -41.89 -10.14 -63.33
N VAL B 47 -42.18 -9.67 -64.54
CA VAL B 47 -41.15 -9.45 -65.61
C VAL B 47 -40.18 -8.34 -65.18
N CYS B 48 -38.93 -8.41 -65.64
CA CYS B 48 -37.86 -7.43 -65.30
C CYS B 48 -37.19 -6.92 -66.57
N ALA B 49 -36.52 -5.76 -66.50
CA ALA B 49 -35.79 -5.18 -67.66
C ALA B 49 -34.81 -4.09 -67.21
N ASN B 50 -33.69 -3.94 -67.92
CA ASN B 50 -32.69 -2.87 -67.65
C ASN B 50 -33.33 -1.52 -67.97
N PRO B 51 -32.98 -0.44 -67.24
CA PRO B 51 -33.72 0.83 -67.34
C PRO B 51 -33.42 1.74 -68.54
N LYS B 52 -32.38 1.45 -69.33
CA LYS B 52 -31.79 2.40 -70.32
C LYS B 52 -32.22 2.06 -71.77
N GLN B 53 -32.78 0.88 -72.04
CA GLN B 53 -33.23 0.49 -73.41
C GLN B 53 -34.55 1.22 -73.75
N THR B 54 -34.73 1.53 -75.04
CA THR B 54 -35.76 2.49 -75.56
C THR B 54 -37.19 2.06 -75.17
N TRP B 55 -37.53 0.78 -75.29
CA TRP B 55 -38.92 0.27 -75.12
C TRP B 55 -39.37 0.43 -73.65
N VAL B 56 -38.49 0.13 -72.70
CA VAL B 56 -38.78 0.24 -71.23
C VAL B 56 -39.05 1.71 -70.90
N LYS B 57 -38.28 2.64 -71.50
CA LYS B 57 -38.44 4.11 -71.33
C LYS B 57 -39.72 4.58 -72.04
N TYR B 58 -40.03 4.01 -73.21
CA TYR B 58 -41.20 4.37 -74.06
C TYR B 58 -42.50 3.98 -73.34
N ILE B 59 -42.55 2.80 -72.70
CA ILE B 59 -43.78 2.28 -72.05
C ILE B 59 -43.97 2.94 -70.69
N VAL B 60 -42.90 3.15 -69.91
CA VAL B 60 -42.98 3.68 -68.51
C VAL B 60 -43.55 5.11 -68.54
N ARG B 61 -43.19 5.90 -69.56
CA ARG B 61 -43.72 7.28 -69.80
C ARG B 61 -45.24 7.21 -70.03
N LEU B 62 -45.66 6.47 -71.06
CA LEU B 62 -47.07 6.38 -71.55
C LEU B 62 -48.00 5.84 -70.46
N LEU B 63 -47.50 4.98 -69.57
CA LEU B 63 -48.31 4.32 -68.49
C LEU B 63 -47.98 4.92 -67.12
N SER B 64 -47.23 6.03 -67.06
CA SER B 64 -47.04 6.87 -65.84
C SER B 64 -48.38 7.49 -65.44
N LYS B 65 -49.14 8.00 -66.42
CA LYS B 65 -50.55 8.47 -66.27
C LYS B 65 -51.50 7.38 -66.78
N LYS B 66 -52.62 7.16 -66.08
CA LYS B 66 -53.63 6.08 -66.30
C LYS B 66 -52.93 4.79 -66.72
N SER C 8 27.16 -26.47 39.40
CA SER C 8 25.85 -26.88 39.95
C SER C 8 25.63 -26.25 41.34
N ILE C 9 26.64 -26.36 42.23
CA ILE C 9 26.59 -25.84 43.64
C ILE C 9 26.28 -24.33 43.62
N ALA C 10 26.84 -23.59 42.66
CA ALA C 10 26.65 -22.12 42.47
C ALA C 10 25.17 -21.83 42.20
N GLN C 11 24.54 -22.58 41.29
CA GLN C 11 23.11 -22.44 40.91
C GLN C 11 22.21 -22.77 42.10
N ALA C 12 22.55 -23.81 42.88
CA ALA C 12 21.81 -24.27 44.08
C ALA C 12 21.90 -23.21 45.18
N ARG C 13 23.13 -22.81 45.55
CA ARG C 13 23.42 -21.84 46.65
C ARG C 13 22.80 -20.47 46.35
N LYS C 14 22.67 -20.09 45.08
CA LYS C 14 21.96 -18.86 44.64
C LYS C 14 20.46 -19.03 44.84
N LEU C 15 19.89 -20.15 44.37
CA LEU C 15 18.43 -20.44 44.40
C LEU C 15 17.94 -20.57 45.85
N VAL C 16 18.75 -21.16 46.74
CA VAL C 16 18.43 -21.27 48.21
C VAL C 16 18.29 -19.84 48.78
N GLU C 17 19.31 -18.99 48.57
CA GLU C 17 19.37 -17.60 49.08
C GLU C 17 18.31 -16.72 48.40
N GLN C 18 17.93 -17.05 47.16
CA GLN C 18 16.85 -16.34 46.40
C GLN C 18 15.50 -16.60 47.09
N LEU C 19 15.18 -17.87 47.38
CA LEU C 19 13.93 -18.30 48.05
C LEU C 19 13.86 -17.76 49.49
N LYS C 20 15.02 -17.54 50.15
CA LYS C 20 15.11 -16.96 51.52
C LYS C 20 14.57 -15.52 51.51
N MET C 21 15.05 -14.68 50.59
CA MET C 21 14.71 -13.23 50.50
C MET C 21 13.21 -13.05 50.19
N GLU C 22 12.59 -13.98 49.44
CA GLU C 22 11.15 -13.92 49.05
C GLU C 22 10.24 -14.28 50.23
N ALA C 23 10.77 -14.90 51.30
CA ALA C 23 10.01 -15.38 52.47
C ALA C 23 10.03 -14.36 53.62
N ASN C 24 10.64 -13.18 53.41
CA ASN C 24 10.80 -12.10 54.43
C ASN C 24 9.82 -10.94 54.16
N ILE C 25 8.94 -11.07 53.17
CA ILE C 25 7.94 -10.02 52.77
C ILE C 25 6.74 -10.12 53.73
N ASP C 26 6.22 -8.95 54.17
CA ASP C 26 4.98 -8.83 54.98
C ASP C 26 3.80 -8.54 54.03
N ARG C 27 2.70 -9.29 54.16
CA ARG C 27 1.52 -9.23 53.26
C ARG C 27 0.28 -8.77 54.03
N ILE C 28 -0.62 -8.05 53.35
CA ILE C 28 -1.94 -7.61 53.88
C ILE C 28 -3.04 -8.49 53.25
N LYS C 29 -4.27 -8.39 53.74
CA LYS C 29 -5.43 -9.17 53.25
C LYS C 29 -5.84 -8.68 51.86
N VAL C 30 -6.65 -9.48 51.15
CA VAL C 30 -7.16 -9.15 49.77
C VAL C 30 -8.23 -8.06 49.89
N SER C 31 -9.01 -8.08 50.99
CA SER C 31 -10.11 -7.11 51.29
C SER C 31 -9.60 -5.66 51.27
N LYS C 32 -8.43 -5.40 51.86
CA LYS C 32 -7.83 -4.03 51.99
C LYS C 32 -7.28 -3.58 50.63
N ALA C 33 -6.53 -4.45 49.96
CA ALA C 33 -5.92 -4.21 48.62
C ALA C 33 -7.01 -4.09 47.55
N ALA C 34 -8.19 -4.70 47.78
CA ALA C 34 -9.40 -4.61 46.93
C ALA C 34 -10.03 -3.22 47.05
N ALA C 35 -10.43 -2.85 48.27
CA ALA C 35 -11.16 -1.60 48.62
C ALA C 35 -10.35 -0.37 48.16
N ASP C 36 -9.02 -0.44 48.21
CA ASP C 36 -8.09 0.65 47.79
C ASP C 36 -8.24 0.94 46.29
N LEU C 37 -8.18 -0.10 45.45
CA LEU C 37 -8.29 0.01 43.97
C LEU C 37 -9.68 0.53 43.59
N MET C 38 -10.73 0.06 44.28
CA MET C 38 -12.13 0.52 44.09
C MET C 38 -12.27 1.99 44.53
N ALA C 39 -11.68 2.34 45.67
CA ALA C 39 -11.69 3.71 46.26
C ALA C 39 -10.96 4.69 45.32
N TYR C 40 -9.78 4.30 44.82
CA TYR C 40 -8.96 5.13 43.89
C TYR C 40 -9.75 5.44 42.61
N CYS C 41 -10.36 4.41 42.01
CA CYS C 41 -11.05 4.50 40.69
C CYS C 41 -12.24 5.47 40.76
N GLU C 42 -13.08 5.34 41.80
CA GLU C 42 -14.28 6.19 42.05
C GLU C 42 -13.92 7.69 42.05
N ALA C 43 -12.79 8.05 42.66
CA ALA C 43 -12.33 9.45 42.86
C ALA C 43 -11.94 10.08 41.51
N HIS C 44 -11.19 9.36 40.68
CA HIS C 44 -10.57 9.86 39.42
C HIS C 44 -11.50 9.63 38.20
N ALA C 45 -12.39 8.63 38.26
CA ALA C 45 -13.25 8.21 37.12
C ALA C 45 -14.14 9.34 36.60
N LYS C 46 -14.43 10.36 37.42
CA LYS C 46 -15.40 11.44 37.11
C LYS C 46 -14.83 12.42 36.07
N GLU C 47 -13.51 12.44 35.83
CA GLU C 47 -12.85 13.32 34.83
C GLU C 47 -12.09 12.49 33.79
N ASP C 48 -12.57 11.28 33.49
CA ASP C 48 -11.96 10.35 32.50
C ASP C 48 -12.64 10.56 31.14
N PRO C 49 -11.92 11.03 30.09
CA PRO C 49 -12.53 11.29 28.79
C PRO C 49 -13.02 10.07 27.98
N LEU C 50 -12.45 8.87 28.17
CA LEU C 50 -12.85 7.64 27.43
C LEU C 50 -14.12 7.02 28.06
N LEU C 51 -14.22 7.04 29.39
CA LEU C 51 -15.37 6.47 30.16
C LEU C 51 -16.62 7.30 29.82
N THR C 52 -16.58 8.61 30.12
CA THR C 52 -17.68 9.59 29.91
C THR C 52 -17.33 10.50 28.72
N PRO C 53 -17.96 10.32 27.53
CA PRO C 53 -17.61 11.12 26.35
C PRO C 53 -17.78 12.64 26.52
N VAL C 54 -16.75 13.42 26.16
CA VAL C 54 -16.77 14.91 26.09
C VAL C 54 -17.54 15.30 24.83
N PRO C 55 -18.16 16.51 24.78
CA PRO C 55 -18.89 16.96 23.59
C PRO C 55 -17.96 17.39 22.44
N ALA C 56 -18.54 17.81 21.32
CA ALA C 56 -17.84 18.20 20.07
C ALA C 56 -17.14 19.56 20.23
N SER C 57 -17.35 20.28 21.34
CA SER C 57 -16.72 21.59 21.65
C SER C 57 -15.24 21.40 22.01
N GLU C 58 -14.96 20.58 23.03
CA GLU C 58 -13.62 20.40 23.66
C GLU C 58 -12.85 19.24 23.00
N ASN C 59 -13.45 18.50 22.07
CA ASN C 59 -12.83 17.36 21.34
C ASN C 59 -11.75 17.89 20.39
N PRO C 60 -10.45 17.65 20.64
CA PRO C 60 -9.39 18.24 19.83
C PRO C 60 -9.08 17.54 18.49
N PHE C 61 -9.86 16.50 18.13
CA PHE C 61 -9.66 15.68 16.90
C PHE C 61 -10.65 16.09 15.81
N ARG C 62 -11.92 16.30 16.15
CA ARG C 62 -12.95 16.74 15.16
C ARG C 62 -13.12 18.26 15.22
N GLU C 63 -13.67 18.79 16.32
CA GLU C 63 -14.00 20.24 16.49
C GLU C 63 -13.62 20.70 17.91
N LEU D 17 -3.96 26.83 6.51
CA LEU D 17 -4.32 28.06 5.72
C LEU D 17 -3.51 29.28 6.19
N SER D 18 -2.33 29.08 6.80
CA SER D 18 -1.45 30.13 7.38
C SER D 18 -0.16 30.23 6.56
N ALA D 19 0.70 31.21 6.88
CA ALA D 19 2.01 31.42 6.23
C ALA D 19 2.90 30.20 6.43
N GLU D 20 3.11 29.81 7.70
CA GLU D 20 4.00 28.71 8.12
C GLU D 20 3.35 27.35 7.86
N GLU D 21 2.05 27.22 8.16
CA GLU D 21 1.27 25.96 8.02
C GLU D 21 1.24 25.48 6.56
N ARG D 22 1.30 26.41 5.59
CA ARG D 22 1.33 26.08 4.13
C ARG D 22 2.71 25.53 3.77
N ALA D 23 3.79 26.14 4.29
CA ALA D 23 5.20 25.71 4.07
C ALA D 23 5.43 24.32 4.67
N ALA D 24 4.87 24.07 5.86
CA ALA D 24 4.91 22.76 6.57
C ALA D 24 4.21 21.68 5.74
N LEU D 25 3.11 22.01 5.06
CA LEU D 25 2.34 21.08 4.17
C LEU D 25 3.18 20.76 2.92
N GLU D 26 3.82 21.77 2.33
CA GLU D 26 4.70 21.63 1.12
C GLU D 26 5.86 20.66 1.43
N ARG D 27 6.43 20.73 2.63
CA ARG D 27 7.53 19.84 3.11
C ARG D 27 7.03 18.38 3.16
N SER D 28 5.82 18.15 3.65
CA SER D 28 5.20 16.81 3.83
C SER D 28 5.04 16.10 2.48
N LYS D 29 4.59 16.83 1.45
CA LYS D 29 4.37 16.32 0.07
C LYS D 29 5.72 15.97 -0.57
N ALA D 30 6.80 16.68 -0.21
CA ALA D 30 8.18 16.41 -0.68
C ALA D 30 8.70 15.11 -0.06
N ILE D 31 8.44 14.86 1.24
CA ILE D 31 8.79 13.61 1.97
C ILE D 31 7.94 12.47 1.39
N GLU D 32 6.62 12.64 1.32
CA GLU D 32 5.64 11.64 0.80
C GLU D 32 6.12 11.08 -0.55
N LYS D 33 6.49 11.97 -1.48
CA LYS D 33 6.92 11.63 -2.86
C LYS D 33 8.29 10.92 -2.84
N ASN D 34 9.16 11.24 -1.88
CA ASN D 34 10.58 10.78 -1.84
C ASN D 34 10.64 9.27 -1.55
N LEU D 35 9.87 8.78 -0.59
CA LEU D 35 9.97 7.38 -0.07
C LEU D 35 9.27 6.38 -1.01
N LYS D 36 8.28 6.81 -1.81
CA LYS D 36 7.55 5.93 -2.75
C LYS D 36 8.47 5.54 -3.93
N GLU D 37 9.43 6.40 -4.28
CA GLU D 37 10.46 6.14 -5.33
C GLU D 37 11.39 5.00 -4.88
N ASP D 38 11.67 4.89 -3.58
CA ASP D 38 12.49 3.81 -2.96
C ASP D 38 11.68 2.51 -2.90
N GLY D 39 10.36 2.61 -2.67
CA GLY D 39 9.42 1.47 -2.66
C GLY D 39 9.41 0.70 -3.97
N ILE D 40 9.45 1.42 -5.10
CA ILE D 40 9.49 0.84 -6.48
C ILE D 40 10.88 0.22 -6.72
N SER D 41 11.94 0.91 -6.28
CA SER D 41 13.36 0.53 -6.48
C SER D 41 13.71 -0.78 -5.74
N ALA D 42 13.03 -1.06 -4.62
CA ALA D 42 13.29 -2.21 -3.72
C ALA D 42 12.43 -3.43 -4.09
N ALA D 43 11.65 -3.37 -5.17
CA ALA D 43 10.75 -4.44 -5.65
C ALA D 43 11.39 -5.25 -6.79
N LYS D 44 12.65 -4.96 -7.15
CA LYS D 44 13.39 -5.58 -8.29
C LYS D 44 14.50 -6.49 -7.75
N ASP D 45 14.32 -7.08 -6.56
CA ASP D 45 15.35 -7.88 -5.84
C ASP D 45 14.77 -9.26 -5.49
N VAL D 46 15.62 -10.28 -5.50
CA VAL D 46 15.28 -11.69 -5.12
C VAL D 46 15.83 -11.94 -3.71
N LYS D 47 14.93 -12.11 -2.73
CA LYS D 47 15.26 -12.41 -1.31
C LYS D 47 15.29 -13.93 -1.11
N LEU D 48 16.40 -14.47 -0.55
CA LEU D 48 16.56 -15.92 -0.27
C LEU D 48 16.98 -16.12 1.20
N LEU D 49 16.31 -17.03 1.91
CA LEU D 49 16.63 -17.45 3.30
C LEU D 49 17.50 -18.70 3.24
N LEU D 50 18.73 -18.60 3.76
CA LEU D 50 19.69 -19.69 3.76
C LEU D 50 19.80 -20.37 5.12
N LEU D 51 19.03 -21.44 5.29
CA LEU D 51 18.99 -22.27 6.52
C LEU D 51 19.99 -23.42 6.38
N GLY D 52 19.96 -24.37 7.34
CA GLY D 52 20.72 -25.64 7.29
C GLY D 52 21.58 -25.84 8.52
N ALA D 53 22.15 -27.04 8.67
CA ALA D 53 23.06 -27.43 9.77
C ALA D 53 24.40 -26.70 9.61
N ASP D 54 25.19 -26.64 10.69
CA ASP D 54 26.53 -25.98 10.73
C ASP D 54 27.61 -27.00 10.32
N ASN D 55 28.67 -26.51 9.66
CA ASN D 55 29.75 -27.32 9.05
C ASN D 55 29.16 -28.20 7.94
N SER D 56 28.36 -27.60 7.07
CA SER D 56 27.74 -28.32 5.96
C SER D 56 28.12 -27.63 4.66
N GLY D 57 29.29 -27.01 4.65
CA GLY D 57 29.77 -26.30 3.48
C GLY D 57 28.85 -25.18 3.01
N LYS D 58 28.27 -24.47 3.97
CA LYS D 58 27.36 -23.38 3.68
C LYS D 58 28.01 -22.21 2.95
N SER D 59 29.25 -21.89 3.33
CA SER D 59 29.97 -20.76 2.71
C SER D 59 30.23 -20.93 1.21
N THR D 60 30.64 -22.11 0.79
CA THR D 60 30.90 -22.37 -0.62
C THR D 60 29.63 -22.24 -1.45
N ILE D 61 28.53 -22.71 -0.89
CA ILE D 61 27.22 -22.68 -1.54
C ILE D 61 26.75 -21.26 -1.86
N VAL D 62 27.06 -20.32 -0.98
CA VAL D 62 26.65 -18.93 -1.18
C VAL D 62 27.26 -18.36 -2.46
N LYS D 63 28.51 -18.69 -2.74
CA LYS D 63 29.20 -18.23 -3.94
C LYS D 63 28.39 -18.59 -5.18
N THR D 78 29.29 -12.31 18.96
CA THR D 78 27.83 -11.98 18.96
C THR D 78 27.40 -11.53 17.56
N THR D 79 27.74 -12.29 16.51
CA THR D 79 27.28 -12.10 15.11
C THR D 79 25.76 -12.30 15.06
N GLY D 80 25.00 -11.21 14.90
CA GLY D 80 23.52 -11.25 14.87
C GLY D 80 22.99 -11.91 13.61
N ILE D 81 23.36 -11.36 12.45
CA ILE D 81 22.86 -11.81 11.10
C ILE D 81 23.91 -11.43 10.05
N VAL D 82 24.21 -12.34 9.11
CA VAL D 82 25.14 -12.09 7.97
C VAL D 82 24.29 -11.99 6.70
N GLU D 83 24.30 -10.84 6.03
CA GLU D 83 23.47 -10.56 4.83
C GLU D 83 24.41 -10.31 3.64
N THR D 84 24.37 -11.17 2.61
CA THR D 84 25.24 -11.10 1.40
C THR D 84 24.41 -10.69 0.17
N HIS D 85 25.09 -10.27 -0.90
CA HIS D 85 24.49 -9.94 -2.22
C HIS D 85 25.49 -10.25 -3.36
N PHE D 86 24.99 -10.84 -4.46
CA PHE D 86 25.71 -11.04 -5.75
C PHE D 86 24.76 -10.70 -6.90
N THR D 87 25.28 -10.69 -8.13
CA THR D 87 24.52 -10.41 -9.39
C THR D 87 24.97 -11.38 -10.49
N PHE D 88 24.02 -11.96 -11.23
CA PHE D 88 24.25 -12.98 -12.29
C PHE D 88 23.22 -12.80 -13.40
N LYS D 89 23.68 -12.50 -14.63
CA LYS D 89 22.87 -12.41 -15.86
C LYS D 89 21.80 -11.31 -15.71
N ASN D 90 22.20 -10.16 -15.16
CA ASN D 90 21.36 -8.93 -15.00
C ASN D 90 20.17 -9.22 -14.07
N LEU D 91 20.45 -9.70 -12.85
CA LEU D 91 19.42 -9.91 -11.79
C LEU D 91 20.11 -9.92 -10.41
N HIS D 92 19.56 -9.17 -9.46
CA HIS D 92 20.17 -8.86 -8.14
C HIS D 92 19.59 -9.80 -7.06
N PHE D 93 20.45 -10.62 -6.44
CA PHE D 93 20.10 -11.62 -5.39
C PHE D 93 20.52 -11.10 -4.01
N ARG D 94 19.77 -11.49 -2.97
CA ARG D 94 20.03 -11.14 -1.54
C ARG D 94 19.86 -12.38 -0.66
N LEU D 95 20.96 -12.87 -0.06
CA LEU D 95 21.00 -14.06 0.84
C LEU D 95 21.16 -13.60 2.30
N PHE D 96 20.28 -14.08 3.20
CA PHE D 96 20.26 -13.79 4.65
C PHE D 96 20.55 -15.07 5.45
N ASP D 97 21.77 -15.21 5.98
CA ASP D 97 22.20 -16.37 6.82
C ASP D 97 21.99 -16.03 8.30
N VAL D 98 21.26 -16.87 9.03
CA VAL D 98 21.00 -16.72 10.51
C VAL D 98 21.82 -17.78 11.27
N GLY D 99 22.98 -17.37 11.81
CA GLY D 99 23.89 -18.20 12.61
C GLY D 99 24.33 -17.49 13.88
N GLY D 100 24.68 -18.25 14.92
CA GLY D 100 25.08 -17.73 16.24
C GLY D 100 23.96 -16.96 16.92
N GLN D 101 22.70 -17.40 16.76
CA GLN D 101 21.55 -16.76 17.43
C GLN D 101 21.22 -17.57 18.69
N ARG D 102 21.00 -18.88 18.53
CA ARG D 102 20.74 -19.84 19.65
C ARG D 102 19.54 -19.44 20.51
N SER D 103 18.44 -18.99 19.89
CA SER D 103 17.22 -18.64 20.67
C SER D 103 16.06 -19.54 20.23
N GLU D 104 14.82 -19.07 20.37
CA GLU D 104 13.63 -19.87 19.93
C GLU D 104 13.22 -19.37 18.54
N ARG D 105 13.49 -20.16 17.50
CA ARG D 105 13.23 -19.79 16.08
C ARG D 105 11.86 -19.14 15.86
N LYS D 106 10.79 -19.91 16.13
CA LYS D 106 9.36 -19.55 15.95
C LYS D 106 9.16 -18.09 16.35
N LYS D 107 9.78 -17.67 17.45
CA LYS D 107 9.60 -16.30 17.98
C LYS D 107 10.02 -15.28 16.91
N TRP D 108 11.13 -15.52 16.20
CA TRP D 108 11.61 -14.57 15.17
C TRP D 108 11.55 -15.07 13.71
N ILE D 109 10.84 -16.17 13.45
CA ILE D 109 10.67 -16.59 12.03
C ILE D 109 9.49 -15.79 11.44
N HIS D 110 8.80 -14.98 12.25
CA HIS D 110 7.65 -14.21 11.69
C HIS D 110 8.19 -13.23 10.64
N CYS D 111 9.36 -12.63 10.90
CA CYS D 111 9.95 -11.54 10.06
C CYS D 111 10.21 -12.04 8.64
N PHE D 112 10.65 -13.30 8.50
CA PHE D 112 10.92 -13.89 7.16
C PHE D 112 9.73 -14.65 6.52
N GLU D 113 8.52 -14.14 6.74
CA GLU D 113 7.29 -14.77 6.18
C GLU D 113 7.12 -14.92 4.66
N ASP D 114 7.54 -13.88 3.92
CA ASP D 114 7.52 -13.95 2.43
C ASP D 114 9.00 -13.82 2.06
N VAL D 115 9.50 -14.79 1.30
CA VAL D 115 10.89 -14.88 0.80
C VAL D 115 10.68 -15.67 -0.49
N THR D 116 11.34 -15.29 -1.58
CA THR D 116 11.14 -15.97 -2.90
C THR D 116 11.26 -17.49 -2.84
N ALA D 117 12.13 -17.99 -1.95
CA ALA D 117 12.42 -19.43 -1.74
C ALA D 117 13.29 -19.62 -0.48
N ILE D 118 13.55 -20.89 -0.14
CA ILE D 118 14.47 -21.32 0.95
C ILE D 118 15.57 -22.19 0.34
N ILE D 119 16.81 -22.08 0.83
CA ILE D 119 17.95 -22.91 0.44
C ILE D 119 18.47 -23.68 1.69
N PHE D 120 18.19 -24.98 1.76
CA PHE D 120 18.58 -25.91 2.86
C PHE D 120 19.82 -26.70 2.42
N CYS D 121 20.81 -26.85 3.32
CA CYS D 121 22.06 -27.56 3.04
C CYS D 121 22.30 -28.73 4.02
N VAL D 122 22.80 -29.85 3.49
CA VAL D 122 23.04 -31.12 4.23
C VAL D 122 24.40 -31.68 3.79
N ASP D 123 25.15 -32.29 4.72
CA ASP D 123 26.48 -32.90 4.46
C ASP D 123 26.34 -34.44 4.59
N LEU D 124 26.73 -35.15 3.53
CA LEU D 124 26.68 -36.64 3.45
C LEU D 124 27.97 -37.24 4.03
N SER D 125 28.97 -36.40 4.31
CA SER D 125 30.32 -36.78 4.82
C SER D 125 30.19 -37.61 6.10
N ASP D 126 29.42 -37.13 7.09
CA ASP D 126 29.22 -37.78 8.42
C ASP D 126 27.78 -38.27 8.53
N TYR D 127 27.61 -39.56 8.87
CA TYR D 127 26.30 -40.22 9.15
C TYR D 127 26.44 -41.07 10.41
N ASN D 138 27.39 -38.47 12.41
CA ASN D 138 26.12 -38.74 13.14
C ASN D 138 25.33 -37.43 13.31
N ARG D 139 24.94 -36.81 12.20
CA ARG D 139 24.15 -35.55 12.17
C ARG D 139 22.96 -35.66 11.20
N MET D 140 22.65 -36.85 10.69
CA MET D 140 21.60 -37.05 9.65
C MET D 140 20.21 -36.93 10.28
N HIS D 141 19.97 -37.61 11.39
CA HIS D 141 18.66 -37.67 12.10
C HIS D 141 18.28 -36.28 12.62
N GLU D 142 19.25 -35.54 13.16
CA GLU D 142 19.09 -34.14 13.65
C GLU D 142 18.67 -33.24 12.48
N SER D 143 19.42 -33.31 11.36
CA SER D 143 19.20 -32.52 10.12
C SER D 143 17.85 -32.89 9.48
N LEU D 144 17.46 -34.17 9.56
CA LEU D 144 16.21 -34.72 8.95
C LEU D 144 14.98 -34.19 9.69
N MET D 145 14.99 -34.26 11.03
CA MET D 145 13.90 -33.73 11.91
C MET D 145 13.81 -32.21 11.74
N ASP D 146 14.96 -31.54 11.65
CA ASP D 146 15.08 -30.07 11.43
C ASP D 146 14.41 -29.68 10.12
N PHE D 147 14.68 -30.41 9.03
CA PHE D 147 14.04 -30.25 7.70
C PHE D 147 12.53 -30.45 7.83
N ASP D 148 12.12 -31.52 8.51
CA ASP D 148 10.70 -31.90 8.77
C ASP D 148 9.99 -30.78 9.55
N SER D 149 10.71 -30.11 10.46
CA SER D 149 10.20 -28.97 11.28
C SER D 149 9.88 -27.76 10.40
N ILE D 150 10.85 -27.32 9.58
CA ILE D 150 10.73 -26.12 8.70
C ILE D 150 9.75 -26.41 7.54
N CYS D 151 9.81 -27.62 6.97
CA CYS D 151 9.01 -28.03 5.78
C CYS D 151 7.50 -27.82 6.03
N ASN D 152 6.99 -28.39 7.13
CA ASN D 152 5.55 -28.32 7.54
C ASN D 152 5.38 -27.27 8.64
N ASN D 153 5.13 -26.02 8.25
CA ASN D 153 5.02 -24.83 9.16
C ASN D 153 3.75 -24.05 8.82
N LYS D 154 3.28 -23.21 9.74
CA LYS D 154 2.05 -22.38 9.61
C LYS D 154 2.25 -21.30 8.53
N PHE D 155 3.41 -20.64 8.51
CA PHE D 155 3.72 -19.45 7.68
C PHE D 155 4.24 -19.86 6.29
N PHE D 156 4.97 -20.99 6.19
CA PHE D 156 5.57 -21.52 4.95
C PHE D 156 4.69 -22.64 4.37
N ILE D 157 3.51 -22.28 3.87
CA ILE D 157 2.54 -23.22 3.22
C ILE D 157 2.97 -23.43 1.77
N ASP D 158 3.11 -22.33 1.00
CA ASP D 158 3.31 -22.35 -0.47
C ASP D 158 4.77 -22.02 -0.84
N THR D 159 5.62 -21.67 0.13
CA THR D 159 7.06 -21.31 -0.10
C THR D 159 7.83 -22.58 -0.47
N SER D 160 8.32 -22.65 -1.71
CA SER D 160 9.08 -23.80 -2.27
C SER D 160 10.52 -23.81 -1.73
N ILE D 161 11.21 -24.95 -1.84
CA ILE D 161 12.55 -25.21 -1.22
C ILE D 161 13.54 -25.62 -2.31
N ILE D 162 14.82 -25.26 -2.15
CA ILE D 162 15.98 -25.78 -2.95
C ILE D 162 16.89 -26.55 -1.99
N LEU D 163 17.24 -27.79 -2.31
CA LEU D 163 17.94 -28.74 -1.40
C LEU D 163 19.30 -29.16 -2.00
N PHE D 164 20.39 -28.64 -1.44
CA PHE D 164 21.74 -28.93 -1.89
C PHE D 164 22.48 -29.98 -1.06
N LEU D 165 22.78 -31.13 -1.67
CA LEU D 165 23.56 -32.22 -1.02
C LEU D 165 25.04 -32.03 -1.39
N ASN D 166 25.91 -31.81 -0.41
CA ASN D 166 27.32 -31.53 -0.64
C ASN D 166 28.29 -32.66 -0.36
N LYS D 167 29.58 -32.36 -0.55
CA LYS D 167 30.71 -33.31 -0.34
C LYS D 167 30.36 -34.64 -1.03
N LYS D 168 29.98 -34.56 -2.31
CA LYS D 168 29.50 -35.69 -3.15
C LYS D 168 30.60 -36.76 -3.26
N ASP D 169 31.81 -36.36 -3.65
CA ASP D 169 32.94 -37.29 -3.95
C ASP D 169 33.48 -37.87 -2.63
N LEU D 170 33.42 -37.11 -1.53
CA LEU D 170 33.91 -37.55 -0.19
C LEU D 170 33.02 -38.68 0.35
N PHE D 171 31.68 -38.53 0.24
CA PHE D 171 30.68 -39.57 0.57
C PHE D 171 31.01 -40.86 -0.20
N GLY D 172 31.24 -40.74 -1.51
CA GLY D 172 31.48 -41.86 -2.44
C GLY D 172 32.83 -42.54 -2.27
N GLU D 173 33.76 -41.95 -1.52
CA GLU D 173 35.08 -42.55 -1.21
C GLU D 173 34.96 -43.53 -0.04
N LYS D 174 34.21 -43.16 1.01
CA LYS D 174 34.10 -43.91 2.29
C LYS D 174 32.92 -44.90 2.27
N ILE D 175 32.18 -45.00 1.16
CA ILE D 175 31.13 -46.04 0.93
C ILE D 175 31.81 -47.42 0.74
N LYS D 176 33.09 -47.44 0.34
CA LYS D 176 33.90 -48.66 0.13
C LYS D 176 33.84 -49.58 1.36
N LYS D 177 34.40 -49.13 2.49
CA LYS D 177 34.68 -49.98 3.69
C LYS D 177 33.52 -49.87 4.70
N SER D 178 33.14 -48.64 5.10
CA SER D 178 32.06 -48.36 6.08
C SER D 178 30.70 -48.54 5.40
N PRO D 179 29.91 -49.61 5.70
CA PRO D 179 28.63 -49.85 5.02
C PRO D 179 27.61 -48.73 5.28
N LEU D 180 26.55 -48.66 4.46
CA LEU D 180 25.50 -47.61 4.53
C LEU D 180 24.41 -48.00 5.54
N THR D 181 24.50 -49.19 6.16
CA THR D 181 23.50 -49.73 7.14
C THR D 181 23.64 -49.06 8.52
N ILE D 182 24.64 -48.18 8.71
CA ILE D 182 24.95 -47.49 9.99
C ILE D 182 23.89 -46.40 10.25
N CYS D 183 23.42 -45.72 9.20
CA CYS D 183 22.32 -44.71 9.23
C CYS D 183 21.17 -45.16 8.32
N PHE D 184 19.92 -44.89 8.69
CA PHE D 184 18.83 -45.43 7.83
C PHE D 184 19.08 -46.94 7.73
N PRO D 185 19.24 -47.59 8.89
CA PRO D 185 19.59 -49.02 8.99
C PRO D 185 18.57 -50.01 8.40
N GLU D 186 17.30 -49.61 8.24
CA GLU D 186 16.28 -50.55 7.71
C GLU D 186 16.69 -51.05 6.31
N TYR D 187 17.13 -50.16 5.42
CA TYR D 187 17.55 -50.63 4.06
C TYR D 187 18.54 -49.64 3.42
N THR D 188 19.37 -50.13 2.50
CA THR D 188 20.36 -49.26 1.81
C THR D 188 20.25 -49.40 0.28
N GLY D 189 20.42 -50.62 -0.23
CA GLY D 189 20.40 -50.91 -1.68
C GLY D 189 21.65 -51.66 -2.12
N PRO D 190 22.27 -51.31 -3.27
CA PRO D 190 23.63 -51.77 -3.61
C PRO D 190 24.71 -51.18 -2.69
N ASN D 191 25.84 -51.88 -2.55
CA ASN D 191 26.96 -51.51 -1.64
C ASN D 191 27.61 -50.20 -2.09
N THR D 192 27.70 -49.94 -3.41
CA THR D 192 28.51 -48.85 -4.02
C THR D 192 27.65 -47.59 -4.25
N TYR D 193 28.27 -46.51 -4.70
CA TYR D 193 27.79 -45.09 -4.61
C TYR D 193 26.51 -44.88 -5.41
N GLU D 194 26.54 -45.18 -6.71
CA GLU D 194 25.59 -44.69 -7.76
C GLU D 194 24.11 -44.75 -7.31
N ASP D 195 23.70 -45.81 -6.58
CA ASP D 195 22.29 -46.10 -6.22
C ASP D 195 22.03 -45.91 -4.72
N ALA D 196 23.01 -45.38 -3.97
CA ALA D 196 22.91 -45.08 -2.53
C ALA D 196 22.19 -43.73 -2.34
N ALA D 197 22.72 -42.69 -2.97
CA ALA D 197 22.24 -41.27 -2.92
C ALA D 197 20.74 -41.21 -3.20
N ALA D 198 20.24 -42.06 -4.12
CA ALA D 198 18.80 -42.22 -4.45
C ALA D 198 17.97 -42.43 -3.18
N TYR D 199 18.46 -43.23 -2.24
CA TYR D 199 17.72 -43.62 -1.01
C TYR D 199 17.51 -42.41 -0.09
N ILE D 200 18.51 -41.54 0.03
CA ILE D 200 18.44 -40.31 0.89
C ILE D 200 17.42 -39.35 0.27
N GLN D 201 17.59 -39.03 -1.02
CA GLN D 201 16.67 -38.16 -1.81
C GLN D 201 15.21 -38.63 -1.63
N ALA D 202 14.99 -39.95 -1.60
CA ALA D 202 13.66 -40.58 -1.39
C ALA D 202 13.11 -40.24 0.01
N GLN D 203 13.96 -40.23 1.05
CA GLN D 203 13.55 -39.94 2.46
C GLN D 203 13.04 -38.50 2.57
N PHE D 204 13.70 -37.55 1.92
CA PHE D 204 13.35 -36.10 1.94
C PHE D 204 12.04 -35.83 1.19
N GLU D 205 11.75 -36.59 0.12
CA GLU D 205 10.47 -36.51 -0.63
C GLU D 205 9.33 -37.13 0.21
N SER D 206 9.63 -38.21 0.95
CA SER D 206 8.69 -38.88 1.89
C SER D 206 8.29 -37.92 3.03
N LYS D 207 9.20 -37.04 3.47
CA LYS D 207 8.97 -36.06 4.56
C LYS D 207 7.99 -34.96 4.11
N ASN D 208 7.87 -34.69 2.80
CA ASN D 208 6.94 -33.69 2.23
C ASN D 208 5.51 -34.27 2.23
N ARG D 209 4.59 -33.62 2.95
CA ARG D 209 3.15 -34.00 3.04
C ARG D 209 2.26 -32.81 2.64
N SER D 210 2.81 -31.82 1.92
CA SER D 210 2.11 -30.58 1.50
C SER D 210 1.45 -30.81 0.13
N PRO D 211 0.22 -30.29 -0.11
CA PRO D 211 -0.46 -30.50 -1.38
C PRO D 211 0.18 -29.82 -2.61
N ASN D 212 0.64 -28.57 -2.47
CA ASN D 212 1.15 -27.73 -3.60
C ASN D 212 2.48 -27.07 -3.20
N LYS D 213 3.52 -27.88 -2.97
CA LYS D 213 4.89 -27.40 -2.63
C LYS D 213 5.93 -28.26 -3.37
N GLU D 214 6.81 -27.62 -4.15
CA GLU D 214 7.86 -28.26 -4.98
C GLU D 214 9.18 -28.27 -4.20
N ILE D 215 10.04 -29.27 -4.45
CA ILE D 215 11.42 -29.39 -3.89
C ILE D 215 12.40 -29.65 -5.03
N TYR D 216 13.20 -28.65 -5.41
CA TYR D 216 14.20 -28.72 -6.51
C TYR D 216 15.55 -29.16 -5.93
N CYS D 217 15.75 -30.47 -5.73
CA CYS D 217 16.98 -31.03 -5.11
C CYS D 217 18.05 -31.26 -6.18
N HIS D 218 19.21 -30.61 -6.02
CA HIS D 218 20.43 -30.75 -6.87
C HIS D 218 21.57 -31.29 -6.00
N MET D 219 22.64 -31.80 -6.63
CA MET D 219 23.83 -32.37 -5.94
C MET D 219 25.08 -31.54 -6.27
N THR D 220 25.86 -31.15 -5.24
CA THR D 220 27.12 -30.36 -5.36
C THR D 220 28.33 -31.30 -5.22
N CYS D 221 29.37 -31.06 -6.00
CA CYS D 221 30.61 -31.90 -6.10
C CYS D 221 31.80 -31.15 -5.49
N ALA D 222 32.26 -31.59 -4.31
CA ALA D 222 33.45 -31.07 -3.60
C ALA D 222 33.31 -29.56 -3.38
N THR D 223 34.33 -28.74 -3.70
CA THR D 223 34.34 -27.27 -3.51
C THR D 223 34.63 -26.57 -4.85
N ASP D 224 34.33 -27.22 -5.99
CA ASP D 224 34.58 -26.69 -7.35
C ASP D 224 33.40 -27.06 -8.26
N THR D 225 32.26 -26.39 -8.08
CA THR D 225 31.01 -26.57 -8.85
C THR D 225 30.30 -25.21 -8.99
N ASN D 226 29.84 -24.85 -10.19
CA ASN D 226 29.07 -23.61 -10.47
C ASN D 226 27.62 -23.82 -9.97
N ASN D 227 27.17 -23.01 -9.01
CA ASN D 227 25.83 -23.16 -8.46
C ASN D 227 24.89 -22.02 -8.81
N ALA D 228 25.45 -20.89 -9.21
CA ALA D 228 24.67 -19.70 -9.60
C ALA D 228 23.66 -20.08 -10.69
N GLN D 229 24.10 -20.88 -11.67
CA GLN D 229 23.27 -21.38 -12.81
C GLN D 229 22.12 -22.23 -12.27
N VAL D 230 22.41 -23.12 -11.31
CA VAL D 230 21.43 -24.09 -10.70
C VAL D 230 20.32 -23.30 -10.00
N ILE D 231 20.65 -22.24 -9.29
CA ILE D 231 19.67 -21.41 -8.60
C ILE D 231 18.84 -20.60 -9.60
N PHE D 232 19.54 -19.94 -10.50
CA PHE D 232 18.91 -19.10 -11.57
C PHE D 232 17.80 -19.88 -12.28
N ASP D 233 18.02 -21.17 -12.55
CA ASP D 233 17.02 -22.08 -13.17
C ASP D 233 15.84 -22.29 -12.20
N ALA D 234 16.12 -22.59 -10.94
CA ALA D 234 15.12 -22.93 -9.90
C ALA D 234 14.24 -21.71 -9.60
N VAL D 235 14.81 -20.52 -9.58
CA VAL D 235 14.10 -19.23 -9.30
C VAL D 235 13.07 -18.96 -10.41
N THR D 236 13.39 -19.30 -11.66
CA THR D 236 12.55 -19.03 -12.87
C THR D 236 11.19 -19.71 -12.74
N ASP D 237 11.19 -21.02 -12.46
CA ASP D 237 9.97 -21.88 -12.32
C ASP D 237 9.02 -21.29 -11.26
N ILE D 238 9.57 -20.80 -10.15
CA ILE D 238 8.81 -20.25 -8.98
C ILE D 238 8.06 -18.99 -9.42
N ILE D 239 8.67 -18.14 -10.25
CA ILE D 239 8.06 -16.89 -10.77
C ILE D 239 6.96 -17.27 -11.78
N ILE D 240 7.25 -18.20 -12.70
CA ILE D 240 6.30 -18.73 -13.73
C ILE D 240 5.07 -19.31 -13.01
N ALA D 241 5.30 -20.14 -11.98
CA ALA D 241 4.26 -20.83 -11.18
C ALA D 241 3.36 -19.81 -10.47
N ASN D 242 3.92 -18.71 -9.97
CA ASN D 242 3.17 -17.63 -9.27
C ASN D 242 2.29 -16.85 -10.25
N ASN D 243 2.79 -16.60 -11.47
CA ASN D 243 2.08 -15.84 -12.53
C ASN D 243 0.86 -16.63 -13.04
N LEU D 244 0.97 -17.96 -13.15
CA LEU D 244 -0.13 -18.86 -13.59
C LEU D 244 -1.33 -18.72 -12.64
N ARG D 245 -1.10 -18.67 -11.33
CA ARG D 245 -2.13 -18.48 -10.29
C ARG D 245 -2.81 -17.12 -10.47
N GLY D 246 -2.02 -16.07 -10.77
CA GLY D 246 -2.48 -14.69 -11.03
C GLY D 246 -3.36 -14.60 -12.27
N CYS D 247 -3.03 -15.37 -13.32
CA CYS D 247 -3.81 -15.46 -14.60
C CYS D 247 -5.07 -16.32 -14.39
N GLY D 248 -5.94 -16.36 -15.40
CA GLY D 248 -7.13 -17.23 -15.44
C GLY D 248 -6.80 -18.71 -15.49
N LEU D 249 -5.60 -19.06 -15.99
CA LEU D 249 -5.09 -20.46 -16.10
C LEU D 249 -4.99 -21.06 -14.69
N TYR D 250 -5.32 -22.35 -14.56
CA TYR D 250 -5.36 -23.12 -13.28
C TYR D 250 -6.34 -22.46 -12.31
N VAL E 22 28.72 25.93 10.79
CA VAL E 22 27.82 26.79 9.95
C VAL E 22 28.59 28.03 9.51
N GLN E 23 28.53 28.38 8.21
CA GLN E 23 29.13 29.63 7.67
C GLN E 23 28.41 30.03 6.38
N LEU E 24 27.73 31.19 6.39
CA LEU E 24 27.18 31.87 5.18
C LEU E 24 28.06 33.08 4.87
N VAL E 25 28.78 33.06 3.74
CA VAL E 25 29.58 34.21 3.21
C VAL E 25 29.01 34.57 1.83
N GLU E 26 28.89 35.87 1.55
CA GLU E 26 28.39 36.43 0.26
C GLU E 26 29.36 37.50 -0.25
N SER E 27 29.49 37.65 -1.57
CA SER E 27 30.40 38.62 -2.22
C SER E 27 29.87 38.99 -3.62
N GLY E 28 30.47 40.03 -4.21
CA GLY E 28 30.03 40.69 -5.46
C GLY E 28 29.28 41.98 -5.16
N GLY E 29 29.55 43.04 -5.93
CA GLY E 29 28.94 44.37 -5.76
C GLY E 29 29.92 45.39 -5.23
N GLY E 30 30.00 46.57 -5.88
CA GLY E 30 30.76 47.75 -5.44
C GLY E 30 30.00 49.03 -5.70
N LEU E 31 30.56 49.95 -6.49
CA LEU E 31 29.85 51.12 -7.08
C LEU E 31 29.55 50.83 -8.56
N VAL E 32 28.36 51.24 -9.03
CA VAL E 32 27.86 50.98 -10.41
C VAL E 32 27.47 52.33 -11.05
N GLN E 33 27.04 52.30 -12.31
CA GLN E 33 26.44 53.45 -13.05
C GLN E 33 24.92 53.32 -13.00
N PRO E 34 24.17 54.43 -12.77
CA PRO E 34 22.74 54.36 -12.53
C PRO E 34 21.94 53.81 -13.74
N GLY E 35 21.13 52.78 -13.50
CA GLY E 35 20.34 52.08 -14.53
C GLY E 35 21.17 51.04 -15.28
N GLY E 36 22.07 50.36 -14.57
CA GLY E 36 22.96 49.29 -15.11
C GLY E 36 22.41 47.91 -14.77
N SER E 37 23.28 47.02 -14.25
CA SER E 37 22.92 45.67 -13.73
C SER E 37 24.12 45.05 -12.99
N ARG E 38 23.84 44.08 -12.10
CA ARG E 38 24.86 43.35 -11.31
C ARG E 38 24.23 42.09 -10.71
N LYS E 39 25.06 41.09 -10.35
CA LYS E 39 24.63 39.83 -9.68
C LYS E 39 25.24 39.76 -8.27
N LEU E 40 24.48 39.20 -7.32
CA LEU E 40 24.92 38.92 -5.92
C LEU E 40 24.96 37.40 -5.72
N SER E 41 26.06 36.88 -5.15
CA SER E 41 26.30 35.43 -4.90
C SER E 41 26.56 35.20 -3.40
N CYS E 42 25.78 34.29 -2.79
CA CYS E 42 25.85 33.88 -1.36
C CYS E 42 26.17 32.38 -1.30
N SER E 43 27.35 32.01 -0.80
CA SER E 43 27.89 30.61 -0.80
C SER E 43 27.89 30.05 0.64
N ALA E 44 27.21 28.92 0.85
CA ALA E 44 26.97 28.28 2.16
C ALA E 44 27.93 27.10 2.37
N SER E 45 28.24 26.80 3.63
CA SER E 45 29.07 25.63 4.05
C SER E 45 28.87 25.34 5.55
N GLY E 46 28.79 24.05 5.91
CA GLY E 46 28.67 23.55 7.30
C GLY E 46 27.27 23.11 7.68
N PHE E 47 26.37 22.91 6.70
CA PHE E 47 24.99 22.38 6.92
C PHE E 47 24.42 21.83 5.60
N ALA E 48 23.23 21.23 5.66
CA ALA E 48 22.48 20.67 4.52
C ALA E 48 21.67 21.78 3.83
N PHE E 49 22.23 22.39 2.78
CA PHE E 49 21.67 23.54 2.05
C PHE E 49 20.35 23.16 1.36
N SER E 50 20.23 21.91 0.91
CA SER E 50 19.08 21.37 0.14
C SER E 50 17.76 21.56 0.90
N SER E 51 17.77 21.39 2.23
CA SER E 51 16.57 21.30 3.09
C SER E 51 15.98 22.67 3.41
N PHE E 52 16.81 23.70 3.65
CA PHE E 52 16.40 25.02 4.15
C PHE E 52 15.85 25.92 3.04
N GLY E 53 14.93 26.83 3.41
CA GLY E 53 14.53 28.01 2.62
C GLY E 53 15.52 29.15 2.82
N MET E 54 15.42 30.22 2.01
CA MET E 54 16.41 31.33 1.97
C MET E 54 15.69 32.66 1.70
N HIS E 55 16.12 33.74 2.38
CA HIS E 55 15.58 35.12 2.22
C HIS E 55 16.71 36.08 1.82
N TRP E 56 16.35 37.27 1.35
CA TRP E 56 17.25 38.45 1.14
C TRP E 56 16.66 39.65 1.88
N VAL E 57 17.47 40.38 2.65
CA VAL E 57 17.03 41.51 3.51
C VAL E 57 17.99 42.69 3.31
N ARG E 58 17.43 43.90 3.15
CA ARG E 58 18.16 45.14 2.83
C ARG E 58 18.24 46.03 4.08
N GLN E 59 19.24 46.90 4.17
CA GLN E 59 19.33 47.95 5.23
C GLN E 59 20.00 49.20 4.66
N ALA E 60 19.19 50.25 4.42
CA ALA E 60 19.62 51.59 3.95
C ALA E 60 20.62 52.20 4.93
N PRO E 61 21.43 53.21 4.53
CA PRO E 61 22.54 53.70 5.37
C PRO E 61 22.14 54.42 6.67
N GLU E 62 20.94 55.03 6.73
CA GLU E 62 20.42 55.73 7.94
C GLU E 62 18.91 55.43 8.07
N LYS E 63 18.57 54.17 8.27
CA LYS E 63 17.17 53.64 8.35
C LYS E 63 17.18 52.24 8.97
N GLY E 64 15.99 51.65 9.16
CA GLY E 64 15.82 50.30 9.72
C GLY E 64 15.94 49.21 8.67
N LEU E 65 15.61 47.97 9.03
CA LEU E 65 15.64 46.79 8.13
C LEU E 65 14.35 46.73 7.31
N GLU E 66 14.39 46.11 6.12
CA GLU E 66 13.20 45.85 5.28
C GLU E 66 13.41 44.60 4.40
N TRP E 67 12.34 43.82 4.21
CA TRP E 67 12.34 42.54 3.44
C TRP E 67 12.46 42.83 1.94
N VAL E 68 12.91 41.84 1.14
CA VAL E 68 13.10 41.97 -0.34
C VAL E 68 12.48 40.77 -1.05
N ALA E 69 13.03 39.56 -0.91
CA ALA E 69 12.64 38.36 -1.69
C ALA E 69 12.78 37.08 -0.87
N TYR E 70 12.25 35.96 -1.38
CA TYR E 70 12.27 34.61 -0.74
C TYR E 70 12.06 33.51 -1.79
N ILE E 71 12.78 32.39 -1.64
CA ILE E 71 12.61 31.13 -2.43
C ILE E 71 12.55 29.95 -1.45
N SER E 72 11.59 29.03 -1.64
CA SER E 72 11.39 27.84 -0.77
C SER E 72 12.42 26.76 -1.12
N SER E 73 12.44 25.66 -0.36
CA SER E 73 13.29 24.46 -0.60
C SER E 73 12.67 23.65 -1.75
N GLY E 74 13.48 23.28 -2.74
CA GLY E 74 13.04 22.59 -3.98
C GLY E 74 12.58 23.56 -5.05
N SER E 75 12.72 24.88 -4.83
CA SER E 75 12.38 25.98 -5.78
C SER E 75 10.90 25.96 -6.15
N GLY E 76 10.03 25.43 -5.28
CA GLY E 76 8.59 25.24 -5.54
C GLY E 76 7.82 26.54 -5.57
N THR E 77 8.06 27.42 -4.58
CA THR E 77 7.36 28.71 -4.38
C THR E 77 8.37 29.86 -4.38
N ILE E 78 8.06 30.95 -5.09
CA ILE E 78 8.83 32.23 -5.11
C ILE E 78 7.87 33.38 -4.77
N TYR E 79 8.34 34.35 -3.98
CA TYR E 79 7.64 35.62 -3.64
C TYR E 79 8.63 36.77 -3.64
N TYR E 80 8.19 37.95 -4.13
CA TYR E 80 8.96 39.22 -4.13
C TYR E 80 8.20 40.26 -3.30
N ALA E 81 8.82 41.42 -3.08
CA ALA E 81 8.20 42.59 -2.40
C ALA E 81 7.32 43.35 -3.39
N ASP E 82 6.60 44.37 -2.92
CA ASP E 82 5.74 45.25 -3.76
C ASP E 82 6.62 46.24 -4.53
N THR E 83 7.66 46.77 -3.89
CA THR E 83 8.55 47.84 -4.42
C THR E 83 9.34 47.36 -5.65
N VAL E 84 9.87 46.14 -5.60
CA VAL E 84 10.91 45.64 -6.56
C VAL E 84 10.36 44.52 -7.43
N LYS E 85 9.03 44.38 -7.55
CA LYS E 85 8.37 43.28 -8.32
C LYS E 85 8.61 43.47 -9.81
N GLY E 86 9.22 42.47 -10.47
CA GLY E 86 9.47 42.45 -11.93
C GLY E 86 10.87 42.93 -12.31
N ARG E 87 11.58 43.61 -11.40
CA ARG E 87 12.91 44.25 -11.66
C ARG E 87 14.05 43.31 -11.23
N PHE E 88 13.91 42.65 -10.06
CA PHE E 88 14.91 41.73 -9.46
C PHE E 88 14.47 40.27 -9.70
N THR E 89 15.42 39.33 -9.70
CA THR E 89 15.15 37.87 -9.84
C THR E 89 16.11 37.06 -8.95
N ILE E 90 15.61 35.92 -8.43
CA ILE E 90 16.25 35.05 -7.40
C ILE E 90 16.33 33.61 -7.93
N SER E 91 17.41 32.89 -7.59
CA SER E 91 17.64 31.47 -8.02
C SER E 91 18.71 30.82 -7.14
N ARG E 92 18.64 29.49 -6.99
CA ARG E 92 19.54 28.66 -6.14
C ARG E 92 20.19 27.56 -6.99
N ASP E 93 21.38 27.12 -6.60
CA ASP E 93 22.09 25.96 -7.21
C ASP E 93 22.43 24.94 -6.12
N ASP E 94 21.68 23.83 -6.06
CA ASP E 94 21.76 22.79 -5.00
C ASP E 94 23.06 21.99 -5.10
N PRO E 95 23.51 21.52 -6.30
CA PRO E 95 24.74 20.75 -6.41
C PRO E 95 26.01 21.40 -5.83
N LYS E 96 26.16 22.73 -5.99
CA LYS E 96 27.37 23.50 -5.56
C LYS E 96 27.11 24.29 -4.27
N ASN E 97 25.86 24.37 -3.81
CA ASN E 97 25.44 25.08 -2.55
C ASN E 97 25.73 26.58 -2.68
N THR E 98 25.00 27.27 -3.59
CA THR E 98 25.13 28.73 -3.85
C THR E 98 23.75 29.34 -4.15
N LEU E 99 23.52 30.55 -3.65
CA LEU E 99 22.29 31.37 -3.83
C LEU E 99 22.64 32.62 -4.65
N PHE E 100 21.86 32.90 -5.70
CA PHE E 100 22.04 34.02 -6.65
C PHE E 100 20.90 35.04 -6.50
N LEU E 101 21.23 36.34 -6.57
CA LEU E 101 20.25 37.46 -6.75
C LEU E 101 20.70 38.33 -7.92
N GLN E 102 19.96 38.28 -9.04
CA GLN E 102 20.24 39.06 -10.27
C GLN E 102 19.31 40.28 -10.30
N MET E 103 19.90 41.48 -10.36
CA MET E 103 19.19 42.79 -10.32
C MET E 103 19.61 43.62 -11.53
N THR E 104 18.64 44.21 -12.23
CA THR E 104 18.81 44.92 -13.53
C THR E 104 18.02 46.23 -13.52
N SER E 105 18.58 47.27 -14.17
CA SER E 105 18.04 48.67 -14.26
C SER E 105 17.91 49.26 -12.84
N LEU E 106 19.03 49.44 -12.16
CA LEU E 106 19.09 49.89 -10.74
C LEU E 106 18.78 51.39 -10.65
N ARG E 107 17.78 51.75 -9.83
CA ARG E 107 17.39 53.16 -9.52
C ARG E 107 18.29 53.69 -8.40
N SER E 108 18.17 54.98 -8.06
CA SER E 108 19.08 55.72 -7.16
C SER E 108 18.64 55.64 -5.68
N GLU E 109 17.91 54.58 -5.29
CA GLU E 109 17.44 54.33 -3.90
C GLU E 109 17.52 52.83 -3.58
N ASP E 110 18.59 52.16 -4.05
CA ASP E 110 18.92 50.75 -3.72
C ASP E 110 20.29 50.70 -3.02
N THR E 111 20.85 51.87 -2.64
CA THR E 111 22.15 52.04 -1.96
C THR E 111 22.06 51.49 -0.53
N ALA E 112 22.51 50.26 -0.27
CA ALA E 112 22.30 49.56 1.02
C ALA E 112 23.17 48.29 1.12
N MET E 113 23.36 47.80 2.35
CA MET E 113 23.89 46.43 2.65
C MET E 113 22.79 45.40 2.36
N TYR E 114 23.18 44.19 1.95
CA TYR E 114 22.26 43.07 1.61
C TYR E 114 22.66 41.82 2.40
N TYR E 115 21.78 41.34 3.30
CA TYR E 115 22.00 40.17 4.17
C TYR E 115 21.38 38.92 3.55
N CYS E 116 21.94 37.76 3.89
CA CYS E 116 21.62 36.42 3.33
C CYS E 116 21.20 35.50 4.50
N VAL E 117 19.91 35.20 4.62
CA VAL E 117 19.28 34.58 5.82
C VAL E 117 18.67 33.21 5.44
N ARG E 118 18.92 32.19 6.26
CA ARG E 118 18.33 30.82 6.12
C ARG E 118 17.14 30.66 7.07
N SER E 119 16.26 29.69 6.79
CA SER E 119 15.08 29.35 7.63
C SER E 119 14.52 27.97 7.25
N ILE E 120 13.76 27.36 8.16
CA ILE E 120 13.14 26.01 7.99
C ILE E 120 11.74 26.02 8.63
N TYR E 121 10.80 25.25 8.07
CA TYR E 121 9.38 25.20 8.48
C TYR E 121 8.91 23.75 8.64
N TYR E 122 8.68 23.36 9.90
CA TYR E 122 7.87 22.17 10.30
C TYR E 122 7.35 22.44 11.72
N TYR E 123 6.58 21.53 12.31
CA TYR E 123 5.95 21.72 13.64
C TYR E 123 7.04 21.87 14.71
N GLY E 124 7.09 23.04 15.37
CA GLY E 124 8.04 23.34 16.46
C GLY E 124 9.46 23.47 15.96
N SER E 125 9.76 24.54 15.21
CA SER E 125 11.12 24.94 14.77
C SER E 125 11.26 26.47 14.84
N SER E 126 12.49 26.99 14.66
CA SER E 126 12.83 28.43 14.81
C SER E 126 13.35 29.00 13.48
N PRO E 127 12.50 29.66 12.67
CA PRO E 127 12.96 30.41 11.49
C PRO E 127 13.81 31.64 11.84
N PHE E 128 14.64 32.09 10.88
CA PHE E 128 15.51 33.30 10.95
C PHE E 128 16.59 33.12 12.03
N ASP E 129 17.04 31.89 12.28
CA ASP E 129 17.94 31.56 13.43
C ASP E 129 19.36 32.08 13.15
N PHE E 130 19.83 32.03 11.90
CA PHE E 130 21.23 32.38 11.50
C PHE E 130 21.22 33.32 10.29
N TRP E 131 21.99 34.42 10.37
CA TRP E 131 22.13 35.48 9.35
C TRP E 131 23.55 35.43 8.74
N GLY E 132 23.73 36.08 7.58
CA GLY E 132 25.03 36.23 6.89
C GLY E 132 25.85 37.38 7.46
N GLN E 133 26.85 37.86 6.71
CA GLN E 133 27.74 38.98 7.12
C GLN E 133 27.40 40.25 6.34
N GLY E 134 27.16 40.13 5.02
CA GLY E 134 26.53 41.16 4.19
C GLY E 134 27.53 41.99 3.39
N THR E 135 27.19 42.29 2.13
CA THR E 135 28.04 43.03 1.15
C THR E 135 27.50 44.45 0.97
N THR E 136 28.40 45.44 0.85
CA THR E 136 28.06 46.88 0.61
C THR E 136 27.97 47.11 -0.91
N LEU E 137 26.77 47.43 -1.40
CA LEU E 137 26.50 47.90 -2.79
C LEU E 137 26.15 49.39 -2.74
N THR E 138 26.68 50.21 -3.66
CA THR E 138 26.37 51.66 -3.76
C THR E 138 26.03 52.02 -5.22
N VAL E 139 25.19 53.05 -5.40
CA VAL E 139 24.76 53.59 -6.72
C VAL E 139 24.95 55.12 -6.69
N SER E 140 25.88 55.65 -7.50
CA SER E 140 26.26 57.08 -7.54
C SER E 140 25.16 57.89 -8.25
N SER E 141 24.88 59.10 -7.76
CA SER E 141 23.85 60.05 -8.25
C SER E 141 24.53 61.25 -8.91
N ASP E 157 -1.54 45.93 3.97
CA ASP E 157 -0.38 45.31 4.66
C ASP E 157 -0.42 45.62 6.16
N ILE E 158 0.28 44.82 6.96
CA ILE E 158 0.39 44.98 8.45
C ILE E 158 1.34 46.15 8.73
N VAL E 159 0.85 47.19 9.43
CA VAL E 159 1.66 48.35 9.90
C VAL E 159 2.01 48.09 11.38
N MET E 160 3.27 48.30 11.75
CA MET E 160 3.80 48.06 13.13
C MET E 160 4.64 49.28 13.56
N THR E 161 4.39 49.80 14.76
CA THR E 161 5.01 51.05 15.28
C THR E 161 5.59 50.82 16.68
N GLN E 162 6.82 51.30 16.90
CA GLN E 162 7.52 51.29 18.22
C GLN E 162 7.67 52.73 18.70
N ALA E 163 6.85 53.17 19.66
CA ALA E 163 6.87 54.59 20.05
C ALA E 163 8.06 54.91 20.96
N THR E 164 9.26 54.74 20.42
CA THR E 164 10.53 55.08 21.14
C THR E 164 11.63 55.37 20.12
N SER E 165 12.60 56.21 20.50
CA SER E 165 13.76 56.50 19.62
C SER E 165 15.03 56.09 20.37
N SER E 166 15.27 56.74 21.51
CA SER E 166 16.41 56.41 22.40
C SER E 166 15.86 56.29 23.82
N VAL E 167 16.18 55.18 24.52
CA VAL E 167 15.67 55.01 25.91
C VAL E 167 16.86 55.08 26.87
N PRO E 168 16.80 55.98 27.86
CA PRO E 168 17.87 56.10 28.83
C PRO E 168 17.93 54.82 29.68
N VAL E 169 19.14 54.33 29.92
CA VAL E 169 19.36 53.07 30.72
C VAL E 169 20.53 53.26 31.72
N THR E 170 20.57 52.36 32.72
CA THR E 170 21.61 52.25 33.79
C THR E 170 21.80 50.77 34.14
N PRO E 171 23.05 50.26 34.32
CA PRO E 171 23.25 48.85 34.63
C PRO E 171 22.77 48.44 36.04
N GLY E 172 22.16 47.25 36.15
CA GLY E 172 21.54 46.72 37.38
C GLY E 172 20.09 47.15 37.53
N GLU E 173 19.44 47.54 36.43
CA GLU E 173 18.03 48.01 36.39
C GLU E 173 17.26 47.17 35.36
N SER E 174 15.94 47.00 35.58
CA SER E 174 15.00 46.30 34.68
C SER E 174 14.33 47.32 33.74
N VAL E 175 14.15 46.96 32.46
CA VAL E 175 13.59 47.86 31.40
C VAL E 175 12.49 47.11 30.63
N SER E 176 11.71 47.84 29.82
CA SER E 176 10.58 47.33 29.01
C SER E 176 10.53 48.00 27.63
N ILE E 177 10.53 47.21 26.57
CA ILE E 177 10.38 47.65 25.14
C ILE E 177 8.95 47.28 24.70
N SER E 178 8.25 48.19 24.02
CA SER E 178 6.81 48.05 23.66
C SER E 178 6.62 48.18 22.13
N CYS E 179 6.18 47.09 21.48
CA CYS E 179 5.78 47.03 20.05
C CYS E 179 4.27 46.92 19.96
N ARG E 180 3.60 47.89 19.32
CA ARG E 180 2.13 47.92 19.09
C ARG E 180 1.85 47.56 17.62
N SER E 181 0.88 46.68 17.38
CA SER E 181 0.46 46.21 16.03
C SER E 181 -0.74 47.01 15.53
N SER E 182 -1.14 46.81 14.26
CA SER E 182 -2.30 47.44 13.59
C SER E 182 -3.55 46.59 13.83
N LYS E 183 -3.52 45.33 13.39
CA LYS E 183 -4.56 44.30 13.62
C LYS E 183 -3.93 43.15 14.42
N SER E 184 -4.76 42.35 15.10
CA SER E 184 -4.33 41.26 16.01
C SER E 184 -3.67 40.13 15.20
N LEU E 185 -2.48 39.70 15.63
CA LEU E 185 -1.62 38.70 14.92
C LEU E 185 -1.92 37.27 15.40
N LEU E 186 -2.90 37.10 16.30
CA LEU E 186 -3.35 35.77 16.79
C LEU E 186 -4.24 35.12 15.71
N HIS E 187 -3.95 33.85 15.39
CA HIS E 187 -4.71 33.00 14.41
C HIS E 187 -5.78 32.20 15.18
N SER E 188 -6.52 31.32 14.49
CA SER E 188 -7.46 30.34 15.08
C SER E 188 -6.74 29.46 16.10
N ASN E 189 -5.52 29.01 15.78
CA ASN E 189 -4.61 28.28 16.71
C ASN E 189 -4.06 29.29 17.73
N GLY E 190 -3.73 28.81 18.94
CA GLY E 190 -3.31 29.64 20.09
C GLY E 190 -2.08 30.50 19.79
N ASN E 191 -1.15 29.99 18.97
CA ASN E 191 0.18 30.60 18.70
C ASN E 191 0.02 31.96 18.00
N THR E 192 0.76 32.97 18.48
CA THR E 192 0.88 34.34 17.92
C THR E 192 2.23 34.48 17.23
N TYR E 193 2.23 35.01 16.00
CA TYR E 193 3.44 35.17 15.13
C TYR E 193 4.07 36.55 15.37
N LEU E 194 5.03 36.62 16.30
CA LEU E 194 5.82 37.86 16.60
C LEU E 194 7.24 37.47 16.99
N TYR E 195 8.25 38.10 16.37
CA TYR E 195 9.69 37.80 16.56
C TYR E 195 10.41 39.07 17.05
N TRP E 196 11.44 38.90 17.89
CA TRP E 196 12.30 39.99 18.42
C TRP E 196 13.77 39.75 18.04
N PHE E 197 14.40 40.73 17.36
CA PHE E 197 15.81 40.71 16.91
C PHE E 197 16.59 41.82 17.62
N LEU E 198 17.90 41.62 17.81
CA LEU E 198 18.86 42.59 18.42
C LEU E 198 20.07 42.77 17.49
N GLN E 199 20.48 44.01 17.25
CA GLN E 199 21.71 44.36 16.47
C GLN E 199 22.68 45.16 17.36
N ARG E 200 23.87 44.60 17.62
CA ARG E 200 24.99 45.28 18.33
C ARG E 200 25.67 46.25 17.36
N PRO E 201 26.46 47.24 17.82
CA PRO E 201 27.17 48.15 16.92
C PRO E 201 28.22 47.45 16.04
N GLY E 202 28.08 47.57 14.71
CA GLY E 202 29.05 47.10 13.70
C GLY E 202 29.10 45.58 13.57
N GLN E 203 27.93 44.91 13.61
CA GLN E 203 27.80 43.43 13.52
C GLN E 203 26.47 43.08 12.83
N SER E 204 26.22 41.77 12.62
CA SER E 204 24.99 41.22 12.01
C SER E 204 23.93 40.99 13.09
N PRO E 205 22.63 41.28 12.83
CA PRO E 205 21.58 41.09 13.84
C PRO E 205 21.21 39.61 14.06
N GLN E 206 20.85 39.25 15.31
CA GLN E 206 20.57 37.85 15.75
C GLN E 206 19.17 37.75 16.39
N LEU E 207 18.61 36.54 16.39
CA LEU E 207 17.27 36.20 16.93
C LEU E 207 17.35 36.08 18.46
N LEU E 208 16.44 36.73 19.17
CA LEU E 208 16.29 36.65 20.65
C LEU E 208 15.08 35.77 21.02
N ILE E 209 13.91 36.05 20.43
CA ILE E 209 12.60 35.41 20.79
C ILE E 209 11.83 35.12 19.50
N TYR E 210 11.27 33.90 19.38
CA TYR E 210 10.44 33.44 18.24
C TYR E 210 9.06 33.01 18.74
N ARG E 211 8.01 33.31 17.94
CA ARG E 211 6.57 33.03 18.23
C ARG E 211 6.17 33.60 19.61
N MET E 212 6.60 34.84 19.90
CA MET E 212 6.15 35.69 21.05
C MET E 212 6.75 35.20 22.38
N SER E 213 6.46 33.97 22.79
CA SER E 213 6.76 33.42 24.14
C SER E 213 8.09 32.64 24.15
N ASN E 214 8.29 31.74 23.19
CA ASN E 214 9.43 30.79 23.13
C ASN E 214 10.75 31.55 22.94
N LEU E 215 11.84 31.00 23.49
CA LEU E 215 13.19 31.62 23.54
C LEU E 215 14.17 30.80 22.68
N ALA E 216 15.04 31.47 21.93
CA ALA E 216 16.00 30.88 20.97
C ALA E 216 17.19 30.26 21.71
N SER E 217 17.77 29.20 21.15
CA SER E 217 18.89 28.40 21.75
C SER E 217 20.19 29.19 21.70
N GLY E 218 20.94 29.22 22.82
CA GLY E 218 22.21 29.95 22.97
C GLY E 218 22.03 31.32 23.60
N VAL E 219 20.79 31.78 23.78
CA VAL E 219 20.43 33.12 24.35
C VAL E 219 20.33 32.94 25.87
N PRO E 220 20.77 33.92 26.70
CA PRO E 220 20.67 33.80 28.16
C PRO E 220 19.24 33.80 28.70
N ASP E 221 19.08 33.56 30.01
CA ASP E 221 17.78 33.39 30.70
C ASP E 221 17.36 34.70 31.39
N ARG E 222 17.86 35.84 30.91
CA ARG E 222 17.54 37.20 31.44
C ARG E 222 16.33 37.77 30.70
N PHE E 223 16.22 37.53 29.39
CA PHE E 223 15.16 38.05 28.50
C PHE E 223 13.86 37.24 28.69
N SER E 224 12.71 37.92 28.64
CA SER E 224 11.35 37.33 28.73
C SER E 224 10.37 38.14 27.87
N GLY E 225 9.34 37.49 27.32
CA GLY E 225 8.38 38.08 26.37
C GLY E 225 6.94 37.79 26.76
N SER E 226 6.06 38.78 26.62
CA SER E 226 4.61 38.72 26.95
C SER E 226 3.81 39.70 26.08
N GLY E 227 2.50 39.44 25.93
CA GLY E 227 1.58 40.26 25.11
C GLY E 227 0.27 39.55 24.82
N SER E 228 -0.80 40.32 24.58
CA SER E 228 -2.17 39.83 24.30
C SER E 228 -2.84 40.70 23.23
N GLY E 229 -3.13 40.12 22.06
CA GLY E 229 -3.92 40.75 20.98
C GLY E 229 -3.07 41.60 20.06
N THR E 230 -3.07 42.93 20.28
CA THR E 230 -2.41 43.96 19.41
C THR E 230 -1.27 44.69 20.16
N ALA E 231 -1.21 44.59 21.49
CA ALA E 231 -0.17 45.19 22.35
C ALA E 231 0.76 44.09 22.88
N PHE E 232 2.07 44.30 22.82
CA PHE E 232 3.13 43.33 23.21
C PHE E 232 4.23 44.04 24.01
N THR E 233 5.04 43.29 24.76
CA THR E 233 6.11 43.83 25.65
C THR E 233 7.30 42.85 25.70
N LEU E 234 8.52 43.40 25.56
CA LEU E 234 9.81 42.70 25.81
C LEU E 234 10.41 43.26 27.10
N THR E 235 10.54 42.40 28.13
CA THR E 235 11.05 42.75 29.49
C THR E 235 12.47 42.17 29.66
N ILE E 236 13.43 43.02 30.04
CA ILE E 236 14.86 42.65 30.32
C ILE E 236 15.11 42.86 31.82
N SER E 237 15.70 41.87 32.49
CA SER E 237 15.98 41.86 33.95
C SER E 237 17.49 41.83 34.20
N ARG E 238 18.00 42.81 34.96
CA ARG E 238 19.44 42.97 35.32
C ARG E 238 20.29 43.03 34.04
N LEU E 239 20.08 44.07 33.23
CA LEU E 239 20.88 44.37 32.00
C LEU E 239 22.33 44.63 32.42
N GLU E 240 23.30 44.18 31.61
CA GLU E 240 24.75 44.31 31.87
C GLU E 240 25.47 44.71 30.57
N ALA E 241 26.76 45.04 30.66
CA ALA E 241 27.61 45.55 29.56
C ALA E 241 27.69 44.52 28.42
N GLU E 242 27.79 45.01 27.18
CA GLU E 242 27.72 44.20 25.92
C GLU E 242 26.31 43.63 25.76
N ASP E 243 25.29 44.46 26.02
CA ASP E 243 23.86 44.07 25.88
C ASP E 243 23.05 45.29 25.46
N VAL E 244 23.70 46.22 24.75
CA VAL E 244 23.03 47.47 24.25
C VAL E 244 23.09 47.46 22.72
N GLY E 245 21.92 47.53 22.07
CA GLY E 245 21.82 47.49 20.60
C GLY E 245 20.46 47.95 20.12
N VAL E 246 20.24 48.02 18.80
CA VAL E 246 18.91 48.40 18.25
C VAL E 246 18.02 47.15 18.23
N TYR E 247 16.93 47.17 18.98
CA TYR E 247 15.95 46.06 19.12
C TYR E 247 14.84 46.23 18.07
N TYR E 248 14.60 45.20 17.25
CA TYR E 248 13.64 45.22 16.13
C TYR E 248 12.47 44.26 16.42
N CYS E 249 11.30 44.59 15.85
CA CYS E 249 9.99 43.90 16.03
C CYS E 249 9.46 43.49 14.65
N MET E 250 9.23 42.19 14.41
CA MET E 250 8.80 41.64 13.10
C MET E 250 7.64 40.66 13.28
N GLN E 251 6.66 40.71 12.36
CA GLN E 251 5.49 39.79 12.28
C GLN E 251 5.70 38.83 11.09
N HIS E 252 5.13 37.63 11.16
CA HIS E 252 5.25 36.55 10.13
C HIS E 252 3.86 35.97 9.83
N LEU E 253 2.81 36.80 9.88
CA LEU E 253 1.40 36.35 9.67
C LEU E 253 1.10 36.24 8.17
N GLU E 254 1.39 37.32 7.42
CA GLU E 254 1.13 37.45 5.95
C GLU E 254 2.42 37.85 5.23
N TYR E 255 2.53 37.54 3.93
CA TYR E 255 3.55 38.10 3.01
C TYR E 255 3.01 39.43 2.46
N PRO E 256 3.76 40.55 2.55
CA PRO E 256 5.20 40.58 2.84
C PRO E 256 5.51 40.87 4.32
N LEU E 257 6.64 40.34 4.81
CA LEU E 257 7.11 40.51 6.21
C LEU E 257 7.47 41.97 6.44
N THR E 258 6.70 42.70 7.27
CA THR E 258 7.00 44.10 7.66
C THR E 258 7.79 44.07 8.98
N PHE E 259 8.79 44.96 9.10
CA PHE E 259 9.63 45.17 10.31
C PHE E 259 9.14 46.42 11.05
N GLY E 260 9.69 46.67 12.23
CA GLY E 260 9.43 47.89 13.04
C GLY E 260 10.33 49.03 12.64
N ALA E 261 10.26 50.15 13.38
CA ALA E 261 11.13 51.34 13.22
C ALA E 261 12.44 51.13 13.98
N GLY E 262 12.39 50.44 15.13
CA GLY E 262 13.55 50.07 15.96
C GLY E 262 13.67 50.95 17.19
N THR E 263 14.16 50.39 18.30
CA THR E 263 14.38 51.06 19.61
C THR E 263 15.87 51.03 19.96
N LYS E 264 16.43 52.19 20.32
CA LYS E 264 17.87 52.35 20.67
C LYS E 264 18.03 52.42 22.19
N LEU E 265 19.00 51.69 22.75
CA LEU E 265 19.43 51.75 24.18
C LEU E 265 20.77 52.47 24.27
N GLU E 266 20.85 53.53 25.08
CA GLU E 266 22.00 54.48 25.16
C GLU E 266 23.07 53.93 26.11
N LEU E 267 24.20 54.64 26.22
CA LEU E 267 25.37 54.25 27.05
C LEU E 267 25.17 54.76 28.48
N TYR F 172 -45.31 -12.38 -71.64
CA TYR F 172 -46.35 -13.15 -72.37
C TYR F 172 -45.83 -14.56 -72.68
N SER F 173 -44.87 -14.66 -73.59
CA SER F 173 -44.28 -15.97 -73.98
C SER F 173 -43.02 -16.27 -73.15
N VAL F 174 -42.60 -15.32 -72.30
CA VAL F 174 -41.38 -15.54 -71.46
C VAL F 174 -41.64 -16.68 -70.48
N ASP F 175 -40.71 -17.64 -70.38
CA ASP F 175 -40.91 -18.78 -69.43
C ASP F 175 -39.66 -18.98 -68.56
N SER F 176 -39.80 -18.82 -67.25
CA SER F 176 -38.72 -19.06 -66.25
C SER F 176 -37.45 -18.28 -66.56
N GLU F 177 -37.56 -17.03 -67.04
CA GLU F 177 -36.34 -16.21 -67.32
C GLU F 177 -36.49 -14.82 -66.69
N MET F 178 -35.51 -14.41 -65.89
CA MET F 178 -35.52 -13.07 -65.23
C MET F 178 -36.82 -12.85 -64.45
N LEU F 179 -37.27 -13.86 -63.69
CA LEU F 179 -38.51 -13.74 -62.89
C LEU F 179 -38.15 -13.42 -61.44
N LEU F 180 -38.90 -12.51 -60.82
CA LEU F 180 -38.64 -12.09 -59.42
C LEU F 180 -38.56 -13.33 -58.52
N CYS F 181 -37.61 -13.33 -57.59
CA CYS F 181 -37.35 -14.46 -56.65
C CYS F 181 -38.15 -14.25 -55.36
N SER F 182 -39.21 -15.04 -55.15
CA SER F 182 -40.12 -14.94 -53.97
C SER F 182 -39.40 -15.47 -52.72
N LEU F 183 -39.14 -14.60 -51.74
CA LEU F 183 -38.54 -14.95 -50.42
C LEU F 183 -39.61 -14.78 -49.32
N GLN F 184 -40.82 -15.28 -49.58
CA GLN F 184 -41.95 -15.32 -48.60
C GLN F 184 -41.77 -16.54 -47.69
N GLU F 185 -41.43 -17.70 -48.26
CA GLU F 185 -41.26 -18.99 -47.53
C GLU F 185 -40.10 -18.84 -46.53
N VAL F 186 -38.93 -18.36 -46.97
CA VAL F 186 -37.68 -18.28 -46.14
C VAL F 186 -37.95 -17.42 -44.90
N ARG F 187 -38.85 -16.43 -44.99
CA ARG F 187 -39.23 -15.53 -43.86
C ARG F 187 -40.28 -16.20 -42.96
N GLN F 188 -41.10 -17.12 -43.48
CA GLN F 188 -42.10 -17.87 -42.66
C GLN F 188 -41.35 -18.78 -41.67
N PHE F 189 -40.31 -19.48 -42.14
CA PHE F 189 -39.34 -20.26 -41.33
C PHE F 189 -38.68 -19.35 -40.28
N SER F 190 -38.30 -18.13 -40.68
CA SER F 190 -37.63 -17.11 -39.84
C SER F 190 -38.57 -16.59 -38.74
N ARG F 191 -39.86 -16.40 -39.07
CA ARG F 191 -40.89 -15.76 -38.21
C ARG F 191 -40.93 -16.43 -36.82
N LEU F 192 -40.93 -17.77 -36.77
CA LEU F 192 -41.07 -18.57 -35.52
C LEU F 192 -39.69 -18.90 -34.92
N PHE F 193 -38.66 -19.08 -35.76
CA PHE F 193 -37.30 -19.56 -35.33
C PHE F 193 -36.52 -18.45 -34.62
N VAL F 194 -36.55 -17.22 -35.13
CA VAL F 194 -35.66 -16.10 -34.69
C VAL F 194 -36.05 -15.64 -33.29
N PRO F 195 -37.34 -15.34 -32.96
CA PRO F 195 -37.71 -14.78 -31.67
C PRO F 195 -37.38 -15.66 -30.44
N ILE F 196 -37.56 -16.98 -30.54
CA ILE F 196 -37.37 -17.94 -29.41
C ILE F 196 -35.87 -18.06 -29.08
N ALA F 197 -35.01 -18.14 -30.10
CA ALA F 197 -33.53 -18.30 -29.96
C ALA F 197 -32.95 -17.08 -29.23
N TYR F 198 -33.35 -15.87 -29.62
CA TYR F 198 -32.94 -14.58 -29.02
C TYR F 198 -33.39 -14.53 -27.55
N SER F 199 -34.68 -14.78 -27.32
CA SER F 199 -35.36 -14.70 -26.00
C SER F 199 -34.69 -15.61 -24.97
N LEU F 200 -34.36 -16.85 -25.35
CA LEU F 200 -33.78 -17.88 -24.45
C LEU F 200 -32.32 -17.53 -24.12
N ILE F 201 -31.49 -17.17 -25.12
CA ILE F 201 -30.05 -16.83 -24.92
C ILE F 201 -29.94 -15.46 -24.23
N CYS F 202 -30.95 -14.58 -24.38
CA CYS F 202 -31.01 -13.26 -23.69
C CYS F 202 -31.11 -13.46 -22.17
N VAL F 203 -32.09 -14.25 -21.72
CA VAL F 203 -32.37 -14.52 -20.27
C VAL F 203 -31.13 -15.19 -19.64
N PHE F 204 -30.71 -16.33 -20.18
CA PHE F 204 -29.56 -17.15 -19.67
C PHE F 204 -28.25 -16.37 -19.81
N GLY F 205 -28.11 -15.60 -20.89
CA GLY F 205 -26.94 -14.70 -21.13
C GLY F 205 -26.86 -13.59 -20.10
N LEU F 206 -27.98 -12.91 -19.81
CA LEU F 206 -28.08 -11.83 -18.80
C LEU F 206 -27.89 -12.41 -17.39
N LEU F 207 -28.51 -13.58 -17.12
CA LEU F 207 -28.44 -14.30 -15.82
C LEU F 207 -27.01 -14.79 -15.57
N GLY F 208 -26.33 -15.30 -16.60
CA GLY F 208 -24.95 -15.83 -16.52
C GLY F 208 -23.93 -14.76 -16.16
N ASN F 209 -24.02 -13.58 -16.78
CA ASN F 209 -23.00 -12.49 -16.68
C ASN F 209 -23.18 -11.68 -15.39
N ILE F 210 -24.42 -11.26 -15.08
CA ILE F 210 -24.76 -10.36 -13.93
C ILE F 210 -24.17 -10.93 -12.63
N LEU F 211 -24.14 -12.26 -12.49
CA LEU F 211 -23.50 -13.01 -11.38
C LEU F 211 -22.04 -12.56 -11.22
N VAL F 212 -21.26 -12.62 -12.31
CA VAL F 212 -19.79 -12.31 -12.33
C VAL F 212 -19.56 -10.84 -11.95
N VAL F 213 -20.42 -9.93 -12.43
CA VAL F 213 -20.28 -8.46 -12.22
C VAL F 213 -20.46 -8.14 -10.72
N ILE F 214 -21.39 -8.83 -10.05
CA ILE F 214 -21.68 -8.65 -8.59
C ILE F 214 -20.52 -9.23 -7.75
N THR F 215 -20.09 -10.46 -8.07
CA THR F 215 -19.02 -11.20 -7.34
C THR F 215 -17.72 -10.37 -7.27
N PHE F 216 -17.37 -9.68 -8.37
CA PHE F 216 -16.17 -8.82 -8.46
C PHE F 216 -16.40 -7.52 -7.66
N ALA F 217 -17.61 -6.95 -7.71
CA ALA F 217 -17.98 -5.67 -7.07
C ALA F 217 -17.91 -5.75 -5.53
N PHE F 218 -17.98 -6.96 -4.95
CA PHE F 218 -17.93 -7.22 -3.49
C PHE F 218 -16.63 -6.67 -2.87
N TYR F 219 -15.48 -6.91 -3.52
CA TYR F 219 -14.14 -6.49 -3.04
C TYR F 219 -13.36 -5.82 -4.18
N LYS F 220 -13.25 -4.49 -4.05
CA LYS F 220 -12.41 -3.62 -4.92
C LYS F 220 -10.95 -3.91 -4.56
N LYS F 221 -10.70 -4.13 -3.26
CA LYS F 221 -9.35 -4.46 -2.73
C LYS F 221 -8.94 -5.82 -3.28
N ALA F 222 -7.67 -5.93 -3.70
CA ALA F 222 -6.95 -7.10 -4.28
C ALA F 222 -7.30 -7.29 -5.77
N ARG F 223 -8.11 -6.39 -6.35
CA ARG F 223 -8.45 -6.46 -7.79
C ARG F 223 -7.20 -6.05 -8.57
N SER F 224 -6.92 -6.75 -9.67
CA SER F 224 -5.69 -6.43 -10.46
C SER F 224 -5.66 -7.13 -11.83
N MET F 225 -4.90 -6.55 -12.77
CA MET F 225 -4.42 -7.14 -14.05
C MET F 225 -5.56 -7.83 -14.82
N THR F 226 -5.48 -9.15 -15.00
CA THR F 226 -6.49 -9.89 -15.81
C THR F 226 -7.89 -9.66 -15.23
N ASP F 227 -7.99 -9.46 -13.92
CA ASP F 227 -9.32 -9.25 -13.28
C ASP F 227 -9.98 -8.00 -13.87
N VAL F 228 -9.23 -6.91 -14.07
CA VAL F 228 -9.80 -5.65 -14.62
C VAL F 228 -10.34 -5.89 -16.03
N TYR F 229 -9.57 -6.58 -16.88
CA TYR F 229 -10.02 -6.86 -18.28
C TYR F 229 -11.28 -7.72 -18.25
N LEU F 230 -11.32 -8.71 -17.36
CA LEU F 230 -12.51 -9.61 -17.24
C LEU F 230 -13.72 -8.77 -16.83
N LEU F 231 -13.52 -7.83 -15.90
CA LEU F 231 -14.63 -6.95 -15.42
C LEU F 231 -15.16 -6.11 -16.60
N ASN F 232 -14.25 -5.61 -17.44
CA ASN F 232 -14.66 -4.78 -18.61
C ASN F 232 -15.42 -5.65 -19.60
N MET F 233 -14.96 -6.88 -19.85
CA MET F 233 -15.66 -7.79 -20.81
C MET F 233 -17.11 -8.03 -20.35
N ALA F 234 -17.32 -8.35 -19.07
CA ALA F 234 -18.64 -8.60 -18.45
C ALA F 234 -19.59 -7.42 -18.73
N ILE F 235 -19.08 -6.18 -18.66
CA ILE F 235 -19.86 -4.93 -18.95
C ILE F 235 -20.21 -4.88 -20.45
N ALA F 236 -19.28 -5.25 -21.33
CA ALA F 236 -19.45 -5.24 -22.80
C ALA F 236 -20.51 -6.27 -23.23
N ASP F 237 -20.79 -7.27 -22.39
CA ASP F 237 -21.76 -8.37 -22.66
C ASP F 237 -23.17 -7.95 -22.22
N ILE F 238 -23.31 -7.31 -21.05
CA ILE F 238 -24.61 -6.95 -20.41
C ILE F 238 -25.39 -5.99 -21.33
N LEU F 239 -24.77 -4.89 -21.75
CA LEU F 239 -25.41 -3.84 -22.60
C LEU F 239 -25.86 -4.46 -23.93
N PHE F 240 -24.94 -5.17 -24.60
CA PHE F 240 -25.17 -5.90 -25.88
C PHE F 240 -26.45 -6.73 -25.80
N VAL F 241 -26.56 -7.59 -24.78
CA VAL F 241 -27.67 -8.57 -24.60
C VAL F 241 -28.91 -7.85 -24.04
N LEU F 242 -28.74 -6.71 -23.34
CA LEU F 242 -29.87 -5.84 -22.88
C LEU F 242 -30.50 -5.14 -24.09
N THR F 243 -29.70 -4.74 -25.08
CA THR F 243 -30.15 -4.07 -26.34
C THR F 243 -30.88 -5.06 -27.27
N LEU F 244 -30.67 -6.37 -27.08
CA LEU F 244 -31.02 -7.46 -28.04
C LEU F 244 -32.52 -7.60 -28.26
N PRO F 245 -33.39 -7.68 -27.22
CA PRO F 245 -34.79 -8.11 -27.38
C PRO F 245 -35.70 -7.30 -28.32
N PHE F 246 -35.33 -6.06 -28.66
CA PHE F 246 -36.14 -5.12 -29.49
C PHE F 246 -36.31 -5.66 -30.93
N TRP F 247 -35.37 -6.47 -31.43
CA TRP F 247 -35.38 -7.05 -32.80
C TRP F 247 -36.21 -8.34 -32.84
N ALA F 248 -36.27 -9.08 -31.72
CA ALA F 248 -37.20 -10.24 -31.53
C ALA F 248 -38.65 -9.75 -31.56
N VAL F 249 -38.91 -8.54 -31.05
CA VAL F 249 -40.22 -7.83 -31.11
C VAL F 249 -40.48 -7.39 -32.56
N SER F 250 -39.44 -6.94 -33.28
CA SER F 250 -39.50 -6.48 -34.69
C SER F 250 -39.80 -7.66 -35.63
N HIS F 251 -39.11 -8.80 -35.46
CA HIS F 251 -39.29 -10.04 -36.27
C HIS F 251 -40.69 -10.63 -36.05
N ALA F 252 -41.21 -10.55 -34.83
CA ALA F 252 -42.57 -11.00 -34.44
C ALA F 252 -43.61 -10.14 -35.17
N THR F 253 -43.62 -8.82 -34.89
CA THR F 253 -44.58 -7.83 -35.44
C THR F 253 -44.48 -7.80 -36.97
N GLY F 254 -43.28 -7.59 -37.50
CA GLY F 254 -42.97 -7.52 -38.95
C GLY F 254 -43.14 -6.11 -39.51
N ALA F 255 -43.09 -5.08 -38.65
CA ALA F 255 -43.16 -3.65 -39.03
C ALA F 255 -42.53 -2.79 -37.92
N TRP F 256 -41.48 -2.03 -38.26
CA TRP F 256 -40.74 -1.14 -37.33
C TRP F 256 -41.60 0.07 -36.95
N VAL F 257 -42.24 0.03 -35.77
CA VAL F 257 -43.19 1.08 -35.28
C VAL F 257 -42.44 2.18 -34.51
N PHE F 258 -41.24 1.88 -33.99
CA PHE F 258 -40.45 2.80 -33.13
C PHE F 258 -39.90 3.96 -33.98
N SER F 259 -39.60 5.10 -33.33
CA SER F 259 -39.21 6.38 -33.96
C SER F 259 -37.85 6.26 -34.66
N ASN F 260 -37.60 7.11 -35.67
CA ASN F 260 -36.35 7.17 -36.47
C ASN F 260 -35.12 7.11 -35.56
N ALA F 261 -35.14 7.88 -34.46
CA ALA F 261 -34.06 7.98 -33.45
C ALA F 261 -33.72 6.60 -32.87
N THR F 262 -34.72 5.72 -32.71
CA THR F 262 -34.55 4.33 -32.18
C THR F 262 -33.68 3.51 -33.14
N CYS F 263 -34.06 3.46 -34.42
CA CYS F 263 -33.36 2.74 -35.52
C CYS F 263 -31.92 3.26 -35.67
N LYS F 264 -31.69 4.56 -35.44
CA LYS F 264 -30.35 5.21 -35.52
C LYS F 264 -29.52 4.91 -34.26
N LEU F 265 -30.17 4.73 -33.10
CA LEU F 265 -29.49 4.47 -31.79
C LEU F 265 -29.17 2.97 -31.65
N LEU F 266 -30.20 2.12 -31.62
CA LEU F 266 -30.10 0.67 -31.27
C LEU F 266 -29.10 -0.04 -32.18
N LYS F 267 -29.15 0.25 -33.49
CA LYS F 267 -28.21 -0.30 -34.51
C LYS F 267 -26.80 0.27 -34.28
N GLY F 268 -26.71 1.52 -33.82
CA GLY F 268 -25.46 2.24 -33.53
C GLY F 268 -24.72 1.68 -32.33
N ILE F 269 -25.39 1.57 -31.17
CA ILE F 269 -24.79 1.09 -29.89
C ILE F 269 -24.31 -0.37 -30.06
N TYR F 270 -25.16 -1.23 -30.63
CA TYR F 270 -24.93 -2.69 -30.83
C TYR F 270 -23.58 -2.93 -31.52
N ALA F 271 -23.21 -2.09 -32.48
CA ALA F 271 -21.92 -2.12 -33.23
C ALA F 271 -20.74 -1.89 -32.28
N ILE F 272 -20.85 -0.93 -31.34
CA ILE F 272 -19.76 -0.55 -30.39
C ILE F 272 -19.52 -1.72 -29.42
N ASN F 273 -20.59 -2.28 -28.87
CA ASN F 273 -20.56 -3.39 -27.86
C ASN F 273 -19.91 -4.64 -28.48
N PHE F 274 -20.24 -4.97 -29.73
CA PHE F 274 -19.67 -6.12 -30.48
C PHE F 274 -18.18 -5.88 -30.76
N ASN F 275 -17.84 -4.71 -31.31
CA ASN F 275 -16.46 -4.32 -31.72
C ASN F 275 -15.54 -4.24 -30.49
N CYS F 276 -16.02 -3.65 -29.39
CA CYS F 276 -15.26 -3.50 -28.11
C CYS F 276 -14.94 -4.87 -27.51
N GLY F 277 -15.83 -5.85 -27.68
CA GLY F 277 -15.71 -7.21 -27.10
C GLY F 277 -14.48 -7.97 -27.57
N MET F 278 -14.02 -7.72 -28.81
CA MET F 278 -12.92 -8.49 -29.47
C MET F 278 -11.55 -7.93 -29.09
N LEU F 279 -11.41 -6.60 -28.98
CA LEU F 279 -10.12 -5.92 -28.67
C LEU F 279 -9.71 -6.19 -27.21
N LEU F 280 -10.63 -6.60 -26.34
CA LEU F 280 -10.34 -7.00 -24.93
C LEU F 280 -9.80 -8.44 -24.89
N LEU F 281 -10.16 -9.29 -25.86
CA LEU F 281 -9.65 -10.70 -25.95
C LEU F 281 -8.17 -10.70 -26.34
N THR F 282 -7.78 -9.85 -27.30
CA THR F 282 -6.38 -9.73 -27.80
C THR F 282 -5.49 -9.11 -26.71
N CYS F 283 -6.03 -8.19 -25.89
CA CYS F 283 -5.35 -7.60 -24.71
C CYS F 283 -5.02 -8.69 -23.68
N ILE F 284 -6.02 -9.52 -23.33
CA ILE F 284 -5.90 -10.68 -22.41
C ILE F 284 -4.84 -11.66 -22.93
N SER F 285 -4.76 -11.85 -24.26
CA SER F 285 -3.79 -12.75 -24.93
C SER F 285 -2.36 -12.20 -24.76
N MET F 286 -2.15 -10.92 -25.08
CA MET F 286 -0.82 -10.24 -25.00
C MET F 286 -0.40 -10.06 -23.53
N ASP F 287 -1.37 -9.90 -22.62
CA ASP F 287 -1.15 -9.83 -21.15
C ASP F 287 -0.51 -11.15 -20.68
N ARG F 288 -1.09 -12.29 -21.07
CA ARG F 288 -0.64 -13.65 -20.69
C ARG F 288 0.70 -14.00 -21.35
N TYR F 289 1.05 -13.38 -22.48
CA TYR F 289 2.34 -13.59 -23.20
C TYR F 289 3.49 -12.98 -22.40
N ILE F 290 3.40 -11.68 -22.09
CA ILE F 290 4.38 -10.91 -21.26
C ILE F 290 4.56 -11.62 -19.91
N ALA F 291 3.46 -12.13 -19.34
CA ALA F 291 3.39 -12.77 -18.01
C ALA F 291 4.32 -14.00 -17.92
N ILE F 292 4.28 -14.89 -18.92
CA ILE F 292 4.90 -16.25 -18.85
C ILE F 292 6.22 -16.30 -19.64
N VAL F 293 6.21 -15.88 -20.92
CA VAL F 293 7.38 -15.98 -21.83
C VAL F 293 8.51 -15.07 -21.32
N GLN F 294 8.18 -13.85 -20.88
CA GLN F 294 9.14 -12.84 -20.37
C GLN F 294 8.89 -12.57 -18.87
N ALA F 295 8.58 -13.63 -18.11
CA ALA F 295 8.29 -13.59 -16.66
C ALA F 295 9.52 -13.07 -15.89
N THR F 296 10.68 -13.60 -16.22
CA THR F 296 12.00 -13.28 -15.60
C THR F 296 12.36 -11.81 -15.87
N LYS F 297 12.18 -11.32 -17.09
CA LYS F 297 12.53 -9.92 -17.50
C LYS F 297 11.49 -8.93 -16.98
N SER F 298 10.20 -9.28 -17.04
CA SER F 298 9.07 -8.43 -16.58
C SER F 298 9.18 -8.16 -15.06
N PHE F 299 9.64 -9.14 -14.28
CA PHE F 299 9.92 -9.01 -12.82
C PHE F 299 11.09 -8.03 -12.60
N ARG F 300 12.11 -8.09 -13.46
CA ARG F 300 13.41 -7.38 -13.32
C ARG F 300 13.22 -5.87 -13.53
N LEU F 301 12.44 -5.47 -14.54
CA LEU F 301 12.22 -4.04 -14.93
C LEU F 301 10.93 -3.48 -14.33
N ARG F 302 10.11 -4.32 -13.68
CA ARG F 302 8.77 -3.95 -13.14
C ARG F 302 7.89 -3.44 -14.30
N SER F 303 7.94 -4.13 -15.44
CA SER F 303 7.32 -3.73 -16.74
C SER F 303 5.80 -3.61 -16.60
N ARG F 304 5.16 -4.61 -16.00
CA ARG F 304 3.67 -4.74 -15.89
C ARG F 304 3.22 -4.22 -14.52
N THR F 305 2.41 -3.15 -14.50
CA THR F 305 1.83 -2.51 -13.29
C THR F 305 0.31 -2.34 -13.45
N LEU F 306 -0.40 -2.09 -12.35
CA LEU F 306 -1.89 -2.04 -12.30
C LEU F 306 -2.42 -0.79 -13.01
N PRO F 307 -1.89 0.44 -12.76
CA PRO F 307 -2.42 1.65 -13.39
C PRO F 307 -2.41 1.66 -14.93
N ARG F 308 -1.42 1.01 -15.56
CA ARG F 308 -1.22 0.94 -17.03
C ARG F 308 -2.51 0.45 -17.71
N SER F 309 -3.05 -0.70 -17.26
CA SER F 309 -4.23 -1.40 -17.82
C SER F 309 -5.40 -0.43 -18.06
N LYS F 310 -5.62 0.52 -17.14
CA LYS F 310 -6.71 1.54 -17.20
C LYS F 310 -6.53 2.45 -18.42
N ILE F 311 -5.28 2.76 -18.80
CA ILE F 311 -4.98 3.61 -19.99
C ILE F 311 -5.34 2.81 -21.26
N ILE F 312 -4.97 1.53 -21.33
CA ILE F 312 -5.20 0.63 -22.49
C ILE F 312 -6.71 0.46 -22.69
N CYS F 313 -7.47 0.31 -21.61
CA CYS F 313 -8.96 0.18 -21.61
C CYS F 313 -9.61 1.39 -22.29
N LEU F 314 -9.18 2.61 -21.92
CA LEU F 314 -9.65 3.88 -22.52
C LEU F 314 -9.36 3.91 -24.03
N VAL F 315 -8.17 3.45 -24.44
CA VAL F 315 -7.73 3.39 -25.87
C VAL F 315 -8.63 2.40 -26.64
N VAL F 316 -8.99 1.27 -26.04
CA VAL F 316 -9.90 0.25 -26.63
C VAL F 316 -11.28 0.88 -26.85
N TRP F 317 -11.83 1.55 -25.83
CA TRP F 317 -13.12 2.30 -25.90
C TRP F 317 -13.03 3.44 -26.92
N GLY F 318 -11.84 4.05 -27.06
CA GLY F 318 -11.56 5.11 -28.05
C GLY F 318 -11.79 4.67 -29.48
N LEU F 319 -11.17 3.54 -29.88
CA LEU F 319 -11.21 2.99 -31.26
C LEU F 319 -12.63 2.47 -31.58
N SER F 320 -13.31 1.85 -30.61
CA SER F 320 -14.67 1.28 -30.74
C SER F 320 -15.68 2.37 -31.17
N VAL F 321 -15.52 3.59 -30.63
CA VAL F 321 -16.34 4.80 -30.98
C VAL F 321 -16.05 5.18 -32.45
N ILE F 322 -14.78 5.22 -32.84
CA ILE F 322 -14.31 5.68 -34.19
C ILE F 322 -14.74 4.68 -35.26
N ILE F 323 -14.47 3.38 -35.06
CA ILE F 323 -14.78 2.28 -36.03
C ILE F 323 -16.29 2.22 -36.28
N SER F 324 -17.10 2.44 -35.24
CA SER F 324 -18.59 2.34 -35.28
C SER F 324 -19.23 3.57 -35.93
N SER F 325 -18.49 4.68 -36.09
CA SER F 325 -18.96 5.97 -36.67
C SER F 325 -19.69 5.73 -38.00
N SER F 326 -19.06 4.98 -38.91
CA SER F 326 -19.57 4.66 -40.28
C SER F 326 -20.93 3.95 -40.22
N THR F 327 -21.23 3.24 -39.12
CA THR F 327 -22.53 2.56 -38.89
C THR F 327 -23.62 3.60 -38.61
N PHE F 328 -23.37 4.52 -37.67
CA PHE F 328 -24.30 5.60 -37.23
C PHE F 328 -24.74 6.48 -38.41
N VAL F 329 -23.80 6.83 -39.30
CA VAL F 329 -23.97 7.83 -40.41
C VAL F 329 -25.09 7.38 -41.36
N PHE F 330 -25.09 6.10 -41.77
CA PHE F 330 -25.89 5.57 -42.90
C PHE F 330 -27.21 4.92 -42.45
N ASN F 331 -27.31 4.45 -41.20
CA ASN F 331 -28.54 3.84 -40.62
C ASN F 331 -29.69 4.87 -40.64
N GLN F 332 -30.84 4.49 -41.19
CA GLN F 332 -32.03 5.37 -41.36
C GLN F 332 -33.31 4.54 -41.19
N LYS F 333 -34.47 5.20 -41.28
CA LYS F 333 -35.82 4.57 -41.29
C LYS F 333 -36.51 4.92 -42.62
N TYR F 334 -36.96 3.91 -43.36
CA TYR F 334 -37.66 4.03 -44.67
C TYR F 334 -38.40 2.72 -44.96
N ASN F 335 -39.31 2.73 -45.95
CA ASN F 335 -40.10 1.54 -46.38
C ASN F 335 -39.61 1.07 -47.76
N THR F 336 -38.77 0.03 -47.77
CA THR F 336 -38.25 -0.67 -48.99
C THR F 336 -39.42 -1.39 -49.68
N GLN F 337 -40.11 -2.25 -48.93
CA GLN F 337 -41.24 -3.10 -49.41
C GLN F 337 -42.30 -3.21 -48.32
N GLY F 338 -43.58 -3.27 -48.69
CA GLY F 338 -44.73 -3.45 -47.78
C GLY F 338 -44.75 -2.40 -46.68
N SER F 339 -44.49 -2.82 -45.43
CA SER F 339 -44.47 -1.96 -44.20
C SER F 339 -43.04 -1.42 -43.96
N ASP F 340 -42.90 -0.53 -42.99
CA ASP F 340 -41.63 0.20 -42.66
C ASP F 340 -40.60 -0.81 -42.12
N VAL F 341 -39.31 -0.54 -42.37
CA VAL F 341 -38.15 -1.40 -41.97
C VAL F 341 -36.99 -0.50 -41.51
N CYS F 342 -35.95 -1.11 -40.93
CA CYS F 342 -34.74 -0.44 -40.36
C CYS F 342 -33.49 -1.04 -41.01
N GLU F 343 -32.91 -0.32 -41.99
CA GLU F 343 -31.71 -0.72 -42.79
C GLU F 343 -30.85 0.50 -43.08
N PRO F 344 -29.52 0.37 -43.27
CA PRO F 344 -28.73 1.42 -43.93
C PRO F 344 -29.20 1.72 -45.36
N LYS F 345 -29.30 3.01 -45.71
CA LYS F 345 -29.66 3.51 -47.07
C LYS F 345 -28.53 4.43 -47.57
N TYR F 346 -27.96 4.12 -48.73
CA TYR F 346 -26.86 4.88 -49.39
C TYR F 346 -27.46 5.76 -50.50
N GLN F 347 -27.92 6.97 -50.13
CA GLN F 347 -28.46 8.01 -51.05
C GLN F 347 -27.41 9.10 -51.31
N THR F 348 -26.45 9.29 -50.40
CA THR F 348 -25.50 10.44 -50.35
C THR F 348 -24.37 10.23 -51.37
N VAL F 349 -23.65 9.10 -51.29
CA VAL F 349 -22.39 8.82 -52.04
C VAL F 349 -22.68 8.70 -53.55
N SER F 350 -21.61 8.69 -54.35
CA SER F 350 -21.66 8.54 -55.84
C SER F 350 -21.75 7.05 -56.20
N GLU F 351 -20.77 6.26 -55.75
CA GLU F 351 -20.65 4.80 -56.03
C GLU F 351 -21.36 4.01 -54.92
N PRO F 352 -22.53 3.38 -55.18
CA PRO F 352 -23.29 2.74 -54.12
C PRO F 352 -22.69 1.43 -53.58
N ILE F 353 -22.24 0.54 -54.47
CA ILE F 353 -21.81 -0.85 -54.13
C ILE F 353 -20.42 -0.85 -53.49
N ARG F 354 -19.57 0.12 -53.84
CA ARG F 354 -18.16 0.23 -53.35
C ARG F 354 -18.17 0.52 -51.84
N TRP F 355 -19.02 1.45 -51.39
CA TRP F 355 -19.19 1.81 -49.95
C TRP F 355 -19.79 0.63 -49.16
N LYS F 356 -20.74 -0.11 -49.77
CA LYS F 356 -21.31 -1.37 -49.21
C LYS F 356 -20.18 -2.40 -49.05
N LEU F 357 -19.39 -2.61 -50.10
CA LEU F 357 -18.21 -3.54 -50.11
C LEU F 357 -17.19 -3.10 -49.06
N LEU F 358 -16.98 -1.77 -48.90
CA LEU F 358 -16.06 -1.20 -47.88
C LEU F 358 -16.60 -1.47 -46.47
N MET F 359 -17.87 -1.14 -46.22
CA MET F 359 -18.55 -1.31 -44.90
C MET F 359 -18.62 -2.80 -44.54
N LEU F 360 -18.81 -3.68 -45.52
CA LEU F 360 -18.86 -5.16 -45.32
C LEU F 360 -17.46 -5.66 -44.95
N GLY F 361 -16.45 -5.33 -45.76
CA GLY F 361 -15.03 -5.72 -45.57
C GLY F 361 -14.45 -5.23 -44.26
N LEU F 362 -14.80 -4.01 -43.84
CA LEU F 362 -14.36 -3.37 -42.56
C LEU F 362 -14.68 -4.30 -41.37
N GLU F 363 -15.92 -4.81 -41.31
CA GLU F 363 -16.41 -5.67 -40.20
C GLU F 363 -15.73 -7.04 -40.23
N LEU F 364 -15.39 -7.55 -41.42
CA LEU F 364 -14.77 -8.89 -41.64
C LEU F 364 -13.36 -8.91 -41.01
N LEU F 365 -12.54 -7.90 -41.31
CA LEU F 365 -11.12 -7.79 -40.88
C LEU F 365 -11.04 -7.75 -39.35
N PHE F 366 -11.60 -6.70 -38.72
CA PHE F 366 -11.58 -6.46 -37.25
C PHE F 366 -12.28 -7.61 -36.51
N GLY F 367 -13.33 -8.19 -37.11
CA GLY F 367 -14.12 -9.30 -36.55
C GLY F 367 -13.32 -10.57 -36.37
N PHE F 368 -12.67 -11.07 -37.45
CA PHE F 368 -12.12 -12.44 -37.55
C PHE F 368 -10.60 -12.45 -37.79
N PHE F 369 -10.00 -11.44 -38.43
CA PHE F 369 -8.59 -11.51 -38.93
C PHE F 369 -7.59 -10.86 -37.97
N ILE F 370 -7.96 -9.79 -37.25
CA ILE F 370 -7.09 -9.19 -36.19
C ILE F 370 -6.94 -10.18 -35.03
N PRO F 371 -8.05 -10.71 -34.45
CA PRO F 371 -7.94 -11.62 -33.30
C PRO F 371 -7.27 -12.98 -33.60
N LEU F 372 -7.59 -13.59 -34.75
CA LEU F 372 -7.09 -14.93 -35.17
C LEU F 372 -5.56 -14.97 -35.11
N MET F 373 -4.89 -13.96 -35.69
CA MET F 373 -3.41 -13.90 -35.80
C MET F 373 -2.78 -13.66 -34.42
N PHE F 374 -3.36 -12.76 -33.61
CA PHE F 374 -2.85 -12.38 -32.27
C PHE F 374 -2.90 -13.58 -31.31
N MET F 375 -4.00 -14.36 -31.34
CA MET F 375 -4.19 -15.56 -30.46
C MET F 375 -3.18 -16.64 -30.81
N ILE F 376 -3.20 -17.11 -32.07
CA ILE F 376 -2.39 -18.25 -32.60
C ILE F 376 -0.90 -18.00 -32.32
N PHE F 377 -0.41 -16.77 -32.52
CA PHE F 377 1.00 -16.37 -32.25
C PHE F 377 1.33 -16.56 -30.77
N CYS F 378 0.52 -15.95 -29.89
CA CYS F 378 0.72 -15.91 -28.41
C CYS F 378 0.60 -17.32 -27.81
N TYR F 379 -0.53 -18.00 -28.06
CA TYR F 379 -0.86 -19.31 -27.44
C TYR F 379 0.01 -20.45 -27.99
N THR F 380 0.77 -20.22 -29.07
CA THR F 380 1.81 -21.16 -29.57
C THR F 380 3.06 -21.06 -28.68
N PHE F 381 3.58 -19.84 -28.50
CA PHE F 381 4.86 -19.58 -27.79
C PHE F 381 4.69 -19.76 -26.27
N ILE F 382 3.46 -19.66 -25.75
CA ILE F 382 3.15 -19.99 -24.33
C ILE F 382 3.34 -21.50 -24.12
N VAL F 383 2.60 -22.32 -24.87
CA VAL F 383 2.62 -23.81 -24.77
C VAL F 383 4.05 -24.32 -25.04
N LYS F 384 4.80 -23.70 -25.97
CA LYS F 384 6.17 -24.12 -26.37
C LYS F 384 7.11 -24.17 -25.15
N THR F 385 7.07 -23.15 -24.28
CA THR F 385 7.95 -23.01 -23.09
C THR F 385 7.37 -23.75 -21.88
N LEU F 386 6.05 -23.96 -21.85
CA LEU F 386 5.30 -24.51 -20.69
C LEU F 386 5.39 -26.04 -20.63
N VAL F 387 5.77 -26.71 -21.72
CA VAL F 387 5.98 -28.19 -21.78
C VAL F 387 7.39 -28.55 -21.27
N GLN F 388 8.34 -27.59 -21.31
CA GLN F 388 9.75 -27.79 -20.90
C GLN F 388 9.94 -27.53 -19.40
N ALA F 389 9.10 -26.68 -18.79
CA ALA F 389 9.12 -26.33 -17.35
C ALA F 389 8.85 -27.57 -16.49
N GLN F 390 9.51 -27.66 -15.33
CA GLN F 390 9.31 -28.75 -14.33
C GLN F 390 8.41 -28.23 -13.20
N ASN F 391 7.19 -28.77 -13.10
CA ASN F 391 6.12 -28.31 -12.18
C ASN F 391 4.94 -29.29 -12.24
N SER F 392 4.04 -29.24 -11.26
CA SER F 392 2.81 -30.07 -11.17
C SER F 392 1.56 -29.26 -11.54
N LYS F 393 1.72 -27.98 -11.91
CA LYS F 393 0.62 -27.04 -12.27
C LYS F 393 0.54 -26.85 -13.79
N ARG F 394 1.50 -27.35 -14.56
CA ARG F 394 1.59 -27.16 -16.04
C ARG F 394 0.59 -28.07 -16.76
N HIS F 395 0.07 -29.12 -16.10
CA HIS F 395 -0.87 -30.11 -16.69
C HIS F 395 -2.21 -29.45 -17.01
N LYS F 396 -2.90 -28.90 -16.00
CA LYS F 396 -4.23 -28.24 -16.12
C LYS F 396 -4.15 -27.04 -17.07
N ALA F 397 -3.03 -26.30 -17.05
CA ALA F 397 -2.80 -25.06 -17.83
C ALA F 397 -2.92 -25.32 -19.32
N ILE F 398 -2.31 -26.39 -19.83
CA ILE F 398 -2.31 -26.78 -21.27
C ILE F 398 -3.73 -27.19 -21.70
N ARG F 399 -4.43 -27.97 -20.86
CA ARG F 399 -5.82 -28.45 -21.12
C ARG F 399 -6.76 -27.26 -21.31
N VAL F 400 -6.61 -26.20 -20.51
CA VAL F 400 -7.42 -24.94 -20.58
C VAL F 400 -7.10 -24.22 -21.90
N ILE F 401 -5.82 -24.02 -22.22
CA ILE F 401 -5.35 -23.28 -23.44
C ILE F 401 -5.99 -23.91 -24.69
N ILE F 402 -5.80 -25.22 -24.89
CA ILE F 402 -6.27 -25.97 -26.10
C ILE F 402 -7.79 -25.79 -26.23
N ALA F 403 -8.52 -25.97 -25.13
CA ALA F 403 -10.00 -25.89 -25.05
C ALA F 403 -10.49 -24.50 -25.50
N VAL F 404 -9.88 -23.42 -25.00
CA VAL F 404 -10.23 -22.01 -25.32
C VAL F 404 -9.98 -21.74 -26.82
N VAL F 405 -8.86 -22.22 -27.36
CA VAL F 405 -8.46 -22.06 -28.79
C VAL F 405 -9.43 -22.87 -29.67
N LEU F 406 -9.80 -24.09 -29.24
CA LEU F 406 -10.71 -25.01 -30.00
C LEU F 406 -12.09 -24.35 -30.18
N VAL F 407 -12.67 -23.82 -29.09
CA VAL F 407 -14.03 -23.21 -29.07
C VAL F 407 -14.11 -22.07 -30.10
N PHE F 408 -13.22 -21.07 -29.98
CA PHE F 408 -13.18 -19.84 -30.82
C PHE F 408 -13.31 -20.19 -32.32
N LEU F 409 -12.58 -21.20 -32.78
CA LEU F 409 -12.60 -21.67 -34.19
C LEU F 409 -13.96 -22.30 -34.52
N ALA F 410 -14.53 -23.09 -33.59
CA ALA F 410 -15.78 -23.86 -33.79
C ALA F 410 -16.99 -22.93 -33.91
N CYS F 411 -16.95 -21.75 -33.27
CA CYS F 411 -18.08 -20.78 -33.19
C CYS F 411 -18.02 -19.76 -34.34
N GLN F 412 -16.84 -19.18 -34.58
CA GLN F 412 -16.67 -17.94 -35.40
C GLN F 412 -16.62 -18.26 -36.90
N ILE F 413 -15.95 -19.35 -37.31
CA ILE F 413 -15.61 -19.66 -38.74
C ILE F 413 -16.87 -19.62 -39.63
N PRO F 414 -17.96 -20.36 -39.32
CA PRO F 414 -19.10 -20.47 -40.24
C PRO F 414 -19.69 -19.14 -40.75
N HIS F 415 -19.91 -18.18 -39.85
CA HIS F 415 -20.52 -16.85 -40.15
C HIS F 415 -19.61 -16.04 -41.07
N ASN F 416 -18.30 -16.03 -40.81
CA ASN F 416 -17.29 -15.22 -41.54
C ASN F 416 -17.03 -15.81 -42.93
N MET F 417 -17.30 -17.10 -43.14
CA MET F 417 -17.29 -17.75 -44.48
C MET F 417 -18.52 -17.27 -45.27
N VAL F 418 -19.72 -17.42 -44.68
CA VAL F 418 -21.02 -16.96 -45.26
C VAL F 418 -20.93 -15.47 -45.60
N LEU F 419 -20.33 -14.66 -44.72
CA LEU F 419 -20.15 -13.19 -44.92
C LEU F 419 -19.23 -12.91 -46.11
N LEU F 420 -18.29 -13.81 -46.41
CA LEU F 420 -17.37 -13.70 -47.59
C LEU F 420 -18.17 -13.97 -48.87
N VAL F 421 -18.97 -15.05 -48.88
CA VAL F 421 -19.79 -15.50 -50.06
C VAL F 421 -20.64 -14.34 -50.58
N THR F 422 -21.14 -13.48 -49.68
CA THR F 422 -21.87 -12.22 -50.00
C THR F 422 -20.98 -11.31 -50.85
N ALA F 423 -19.77 -11.00 -50.35
CA ALA F 423 -18.79 -10.07 -50.95
C ALA F 423 -18.36 -10.56 -52.34
N ALA F 424 -18.25 -11.88 -52.52
CA ALA F 424 -17.73 -12.56 -53.74
C ALA F 424 -18.52 -12.13 -54.98
N ASN F 425 -19.86 -12.16 -54.92
CA ASN F 425 -20.77 -11.86 -56.06
C ASN F 425 -21.85 -10.86 -55.62
N LEU F 426 -21.45 -9.58 -55.52
CA LEU F 426 -22.36 -8.44 -55.18
C LEU F 426 -22.44 -7.48 -56.38
N GLY F 427 -22.07 -7.93 -57.58
CA GLY F 427 -22.22 -7.16 -58.85
C GLY F 427 -22.54 -8.04 -60.05
N LYS F 428 -22.95 -9.29 -59.84
CA LYS F 428 -23.23 -10.27 -60.92
C LYS F 428 -24.72 -10.22 -61.30
N MET F 429 -25.05 -10.60 -62.54
CA MET F 429 -26.44 -10.64 -63.08
C MET F 429 -26.83 -12.06 -63.50
N ASN F 430 -25.89 -12.89 -63.93
CA ASN F 430 -26.15 -14.26 -64.45
C ASN F 430 -26.36 -15.24 -63.28
N ARG F 431 -26.02 -14.86 -62.05
CA ARG F 431 -26.13 -15.72 -60.83
C ARG F 431 -27.57 -16.23 -60.68
N SER F 432 -27.72 -17.50 -60.27
CA SER F 432 -29.03 -18.23 -60.19
C SER F 432 -29.71 -17.96 -58.85
N CYS F 433 -31.03 -18.19 -58.81
CA CYS F 433 -31.92 -17.93 -57.64
C CYS F 433 -31.67 -18.98 -56.53
N GLN F 434 -31.65 -20.26 -56.93
CA GLN F 434 -31.46 -21.44 -56.04
C GLN F 434 -30.27 -21.20 -55.10
N SER F 435 -29.17 -20.64 -55.62
CA SER F 435 -27.94 -20.27 -54.89
C SER F 435 -28.27 -19.21 -53.82
N GLU F 436 -28.98 -18.14 -54.21
CA GLU F 436 -29.34 -17.01 -53.32
C GLU F 436 -30.27 -17.52 -52.20
N LYS F 437 -31.28 -18.31 -52.58
CA LYS F 437 -32.28 -18.92 -51.66
C LYS F 437 -31.58 -19.78 -50.59
N LEU F 438 -30.57 -20.56 -51.00
CA LEU F 438 -29.78 -21.46 -50.11
C LEU F 438 -28.95 -20.64 -49.12
N ILE F 439 -28.30 -19.56 -49.59
CA ILE F 439 -27.55 -18.58 -48.73
C ILE F 439 -28.55 -17.90 -47.78
N GLY F 440 -29.78 -17.66 -48.25
CA GLY F 440 -30.88 -17.05 -47.49
C GLY F 440 -31.11 -17.69 -46.12
N TYR F 441 -31.30 -19.02 -46.07
CA TYR F 441 -31.65 -19.79 -44.84
C TYR F 441 -30.49 -19.72 -43.83
N THR F 442 -29.30 -20.15 -44.27
CA THR F 442 -28.12 -20.41 -43.42
C THR F 442 -27.58 -19.13 -42.80
N LYS F 443 -27.91 -17.95 -43.35
CA LYS F 443 -27.49 -16.64 -42.81
C LYS F 443 -28.15 -16.39 -41.44
N THR F 444 -29.35 -16.94 -41.18
CA THR F 444 -30.04 -16.87 -39.87
C THR F 444 -29.44 -17.89 -38.90
N VAL F 445 -29.15 -19.10 -39.39
CA VAL F 445 -28.65 -20.26 -38.59
C VAL F 445 -27.19 -19.99 -38.16
N THR F 446 -26.36 -19.44 -39.05
CA THR F 446 -24.92 -19.14 -38.77
C THR F 446 -24.77 -17.82 -38.01
N GLU F 447 -25.75 -16.92 -38.08
CA GLU F 447 -25.73 -15.59 -37.41
C GLU F 447 -25.85 -15.75 -35.88
N VAL F 448 -26.57 -16.78 -35.40
CA VAL F 448 -26.89 -16.98 -33.96
C VAL F 448 -25.63 -17.46 -33.21
N LEU F 449 -24.77 -18.26 -33.87
CA LEU F 449 -23.55 -18.87 -33.26
C LEU F 449 -22.53 -17.78 -32.90
N ALA F 450 -22.57 -16.61 -33.55
CA ALA F 450 -21.76 -15.42 -33.19
C ALA F 450 -22.25 -14.84 -31.86
N PHE F 451 -23.57 -14.79 -31.64
CA PHE F 451 -24.21 -14.30 -30.40
C PHE F 451 -24.06 -15.35 -29.28
N LEU F 452 -24.07 -16.64 -29.64
CA LEU F 452 -23.84 -17.78 -28.70
C LEU F 452 -22.46 -17.63 -28.04
N HIS F 453 -21.41 -17.45 -28.85
CA HIS F 453 -20.00 -17.29 -28.42
C HIS F 453 -19.85 -16.03 -27.55
N CYS F 454 -20.37 -14.90 -28.03
CA CYS F 454 -20.26 -13.56 -27.40
C CYS F 454 -20.85 -13.57 -25.98
N CYS F 455 -21.94 -14.31 -25.75
CA CYS F 455 -22.69 -14.36 -24.46
C CYS F 455 -22.17 -15.48 -23.54
N LEU F 456 -21.39 -16.43 -24.07
CA LEU F 456 -20.84 -17.61 -23.33
C LEU F 456 -19.41 -17.34 -22.85
N ASN F 457 -18.66 -16.46 -23.54
CA ASN F 457 -17.18 -16.34 -23.46
C ASN F 457 -16.76 -15.99 -22.03
N PRO F 458 -17.21 -14.86 -21.42
CA PRO F 458 -16.68 -14.41 -20.13
C PRO F 458 -16.99 -15.37 -18.97
N VAL F 459 -18.09 -16.13 -19.09
CA VAL F 459 -18.54 -17.13 -18.07
C VAL F 459 -17.51 -18.27 -18.02
N LEU F 460 -16.96 -18.70 -19.16
CA LEU F 460 -15.92 -19.76 -19.24
C LEU F 460 -14.62 -19.26 -18.60
N TYR F 461 -14.12 -18.10 -19.06
CA TYR F 461 -12.82 -17.50 -18.67
C TYR F 461 -12.69 -17.41 -17.14
N ALA F 462 -13.68 -16.80 -16.47
CA ALA F 462 -13.65 -16.50 -15.01
C ALA F 462 -13.83 -17.79 -14.20
N PHE F 463 -14.86 -18.60 -14.52
CA PHE F 463 -15.28 -19.79 -13.72
C PHE F 463 -14.20 -20.89 -13.73
N ILE F 464 -13.39 -20.98 -14.79
CA ILE F 464 -12.22 -21.92 -14.86
C ILE F 464 -11.18 -21.50 -13.80
N GLY F 465 -11.02 -20.19 -13.55
CA GLY F 465 -10.10 -19.62 -12.54
C GLY F 465 -10.36 -20.18 -11.15
N GLN F 466 -9.28 -20.56 -10.44
CA GLN F 466 -9.32 -21.18 -9.09
C GLN F 466 -9.74 -20.14 -8.05
N LYS F 467 -9.03 -19.01 -8.02
CA LYS F 467 -9.19 -17.92 -7.00
C LYS F 467 -10.61 -17.37 -7.01
N PHE F 468 -11.16 -17.10 -8.20
CA PHE F 468 -12.54 -16.57 -8.42
C PHE F 468 -13.58 -17.55 -7.87
N ARG F 469 -13.45 -18.84 -8.23
CA ARG F 469 -14.37 -19.94 -7.83
C ARG F 469 -14.38 -20.10 -6.30
N ASN F 470 -13.21 -20.02 -5.65
CA ASN F 470 -13.06 -20.09 -4.18
C ASN F 470 -13.78 -18.90 -3.53
N TYR F 471 -13.52 -17.69 -4.01
CA TYR F 471 -14.12 -16.43 -3.48
C TYR F 471 -15.63 -16.43 -3.73
N PHE F 472 -16.10 -17.02 -4.83
CA PHE F 472 -17.55 -17.18 -5.13
C PHE F 472 -18.20 -18.10 -4.09
N LEU F 473 -17.54 -19.22 -3.75
CA LEU F 473 -17.99 -20.16 -2.69
C LEU F 473 -17.94 -19.47 -1.32
N LYS F 474 -16.88 -18.70 -1.04
CA LYS F 474 -16.71 -17.92 0.23
C LYS F 474 -17.96 -17.06 0.50
N ILE F 475 -18.38 -16.25 -0.47
CA ILE F 475 -19.54 -15.30 -0.35
C ILE F 475 -20.84 -16.11 -0.21
N LEU F 476 -21.01 -17.14 -1.05
CA LEU F 476 -22.21 -18.03 -1.04
C LEU F 476 -22.36 -18.68 0.33
N LYS F 477 -21.30 -19.27 0.88
CA LYS F 477 -21.31 -20.02 2.16
C LYS F 477 -21.33 -19.08 3.37
N ASP F 478 -21.00 -17.78 3.18
CA ASP F 478 -21.04 -16.74 4.25
C ASP F 478 -22.42 -16.08 4.29
N LEU F 479 -22.96 -15.67 3.13
CA LEU F 479 -24.23 -14.90 3.03
C LEU F 479 -25.43 -15.81 3.31
N TRP F 480 -25.45 -17.03 2.76
CA TRP F 480 -26.52 -18.04 2.95
C TRP F 480 -26.59 -18.48 4.42
N CYS F 481 -25.43 -18.69 5.05
CA CYS F 481 -25.27 -19.10 6.48
C CYS F 481 -25.84 -20.51 6.69
#